data_3VS4
#
_entry.id   3VS4
#
_cell.length_a   48.810
_cell.length_b   73.750
_cell.length_c   180.130
_cell.angle_alpha   90.00
_cell.angle_beta   95.86
_cell.angle_gamma   90.00
#
_symmetry.space_group_name_H-M   'P 1 21 1'
#
loop_
_entity.id
_entity.type
_entity.pdbx_description
1 polymer 'Tyrosine-protein kinase HCK'
2 non-polymer 'CALCIUM ION'
3 non-polymer 'CHLORIDE ION'
4 non-polymer 5-(4-phenoxyphenyl)-7-(tetrahydro-2H-pyran-4-yl)-7H-pyrrolo[2,3-d]pyrimidin-4-amine
5 water water
#
_entity_poly.entity_id   1
_entity_poly.type   'polypeptide(L)'
_entity_poly.pdbx_seq_one_letter_code
;GAMGSGIRIIVVALYDYEAIHHEDLSFQKGDQMVVLEESGEWWKARSLATRKEGYIPSNYVARVDSLETEEWFFKGISRK
DAERQLLAPGNMLGSFMIRDSETTKGSYSLSVRDYDPRQGDTVKHYKIRTLDNGGFYISPRSTFSTLQELVDHYKKGNDG
LCQKLSVPCMSSKPQKPWEKDAWEIPRESLKLEKKLGAGQFGEVWMATYNKHTKVAVKTMKPGSMSVEAFLAEANVMKTL
QHDKLVKLHAVVTKEPIYIITEFMAKGSLLDFLKSDEGSKQPLPKLIDFSAQIAEGMAFIEQRNYIHRDLRAANILVSAS
LVCKIADFGLARVIEDNEYTAREGAKFPIKWTAPEAINFGSFTIKSDVWSFGILLMEIVTYGRIPYPGMSNPEVIRALER
GYRMPRPENCPEELYNIMMRCWKNRPEERPTFEYIQSVLDDFYTATESQ(PTR)EEIP
;
_entity_poly.pdbx_strand_id   A,B
#
# COMPACT_ATOMS: atom_id res chain seq x y z
N ARG A 8 -10.13 -31.48 -34.79
CA ARG A 8 -11.42 -30.87 -35.11
C ARG A 8 -11.97 -30.08 -33.92
N ILE A 9 -11.82 -28.76 -33.97
CA ILE A 9 -12.18 -27.89 -32.85
C ILE A 9 -13.55 -27.23 -33.02
N ILE A 10 -14.46 -27.52 -32.11
CA ILE A 10 -15.80 -26.93 -32.14
C ILE A 10 -15.95 -25.84 -31.08
N VAL A 11 -16.42 -24.67 -31.50
CA VAL A 11 -16.69 -23.59 -30.56
C VAL A 11 -18.19 -23.28 -30.53
N VAL A 12 -18.60 -22.50 -29.53
CA VAL A 12 -20.01 -22.15 -29.38
C VAL A 12 -20.19 -20.64 -29.15
N ALA A 13 -21.23 -20.09 -29.75
CA ALA A 13 -21.50 -18.66 -29.66
C ALA A 13 -21.97 -18.26 -28.28
N LEU A 14 -21.23 -17.36 -27.64
CA LEU A 14 -21.58 -16.88 -26.32
C LEU A 14 -22.61 -15.76 -26.41
N TYR A 15 -22.59 -15.03 -27.52
CA TYR A 15 -23.54 -13.93 -27.73
C TYR A 15 -24.06 -13.94 -29.18
N ASP A 16 -25.14 -13.22 -29.42
CA ASP A 16 -25.64 -13.03 -30.77
C ASP A 16 -24.70 -12.12 -31.55
N TYR A 17 -24.63 -12.32 -32.86
CA TYR A 17 -23.79 -11.48 -33.70
C TYR A 17 -24.39 -11.32 -35.09
N GLU A 18 -24.46 -10.07 -35.55
CA GLU A 18 -24.89 -9.77 -36.91
C GLU A 18 -23.71 -9.26 -37.73
N ALA A 19 -23.49 -9.88 -38.88
CA ALA A 19 -22.37 -9.53 -39.76
C ALA A 19 -22.59 -8.16 -40.40
N ILE A 20 -21.49 -7.43 -40.60
CA ILE A 20 -21.56 -6.07 -41.12
C ILE A 20 -20.43 -5.81 -42.13
N HIS A 21 -19.61 -6.83 -42.35
CA HIS A 21 -18.54 -6.74 -43.34
C HIS A 21 -18.85 -7.69 -44.48
N HIS A 22 -17.94 -7.80 -45.43
CA HIS A 22 -18.17 -8.62 -46.62
C HIS A 22 -18.22 -10.11 -46.30
N GLU A 23 -17.27 -10.58 -45.50
CA GLU A 23 -17.08 -12.02 -45.34
C GLU A 23 -17.15 -12.54 -43.91
N ASP A 24 -17.93 -11.88 -43.06
CA ASP A 24 -18.14 -12.40 -41.71
C ASP A 24 -19.51 -13.07 -41.59
N LEU A 25 -19.62 -13.98 -40.63
CA LEU A 25 -20.84 -14.78 -40.46
C LEU A 25 -21.76 -14.18 -39.41
N SER A 26 -23.07 -14.29 -39.65
CA SER A 26 -24.05 -13.98 -38.61
C SER A 26 -24.39 -15.26 -37.86
N PHE A 27 -24.38 -15.19 -36.54
CA PHE A 27 -24.72 -16.35 -35.73
C PHE A 27 -25.57 -15.98 -34.52
N GLN A 28 -26.18 -17.00 -33.92
CA GLN A 28 -27.04 -16.81 -32.76
C GLN A 28 -26.37 -17.44 -31.55
N LYS A 29 -26.79 -17.03 -30.36
CA LYS A 29 -26.24 -17.61 -29.14
C LYS A 29 -26.54 -19.09 -29.07
N GLY A 30 -25.49 -19.91 -29.19
CA GLY A 30 -25.67 -21.36 -29.15
C GLY A 30 -25.20 -22.06 -30.41
N ASP A 31 -25.35 -21.38 -31.54
CA ASP A 31 -24.85 -21.92 -32.81
C ASP A 31 -23.42 -22.39 -32.59
N GLN A 32 -23.15 -23.65 -32.90
CA GLN A 32 -21.80 -24.16 -32.81
C GLN A 32 -21.09 -23.94 -34.15
N MET A 33 -19.77 -24.01 -34.13
CA MET A 33 -19.01 -23.74 -35.34
C MET A 33 -17.65 -24.44 -35.35
N VAL A 34 -17.22 -24.81 -36.55
CA VAL A 34 -15.94 -25.45 -36.74
C VAL A 34 -14.88 -24.39 -37.02
N VAL A 35 -13.81 -24.40 -36.23
CA VAL A 35 -12.72 -23.44 -36.42
C VAL A 35 -11.87 -23.83 -37.61
N LEU A 36 -11.60 -22.87 -38.48
CA LEU A 36 -10.82 -23.13 -39.68
C LEU A 36 -9.47 -22.39 -39.63
N GLU A 37 -9.46 -21.22 -39.00
CA GLU A 37 -8.24 -20.44 -38.82
C GLU A 37 -8.29 -19.60 -37.55
N GLU A 38 -7.12 -19.30 -37.00
CA GLU A 38 -7.03 -18.44 -35.82
C GLU A 38 -6.11 -17.26 -36.07
N SER A 39 -6.69 -16.19 -36.62
CA SER A 39 -5.92 -15.00 -36.99
C SER A 39 -6.11 -13.87 -35.98
N GLY A 40 -6.16 -14.23 -34.70
CA GLY A 40 -6.27 -13.23 -33.65
C GLY A 40 -7.69 -12.84 -33.29
N GLU A 41 -8.01 -11.57 -33.53
CA GLU A 41 -9.34 -11.05 -33.19
C GLU A 41 -10.43 -11.67 -34.05
N TRP A 42 -10.09 -12.04 -35.29
CA TRP A 42 -11.04 -12.69 -36.20
C TRP A 42 -10.60 -14.11 -36.54
N TRP A 43 -11.56 -15.04 -36.49
CA TRP A 43 -11.32 -16.43 -36.82
C TRP A 43 -12.17 -16.83 -38.03
N LYS A 44 -11.62 -17.69 -38.89
CA LYS A 44 -12.39 -18.27 -39.97
C LYS A 44 -13.12 -19.48 -39.42
N ALA A 45 -14.38 -19.66 -39.80
CA ALA A 45 -15.19 -20.74 -39.24
C ALA A 45 -16.30 -21.21 -40.17
N ARG A 46 -16.94 -22.31 -39.79
CA ARG A 46 -18.09 -22.82 -40.51
C ARG A 46 -19.25 -23.02 -39.54
N SER A 47 -20.29 -22.19 -39.68
CA SER A 47 -21.49 -22.37 -38.91
C SER A 47 -22.05 -23.77 -39.13
N LEU A 48 -22.35 -24.49 -38.05
CA LEU A 48 -23.00 -25.79 -38.18
C LEU A 48 -24.48 -25.58 -38.39
N ALA A 49 -24.92 -24.34 -38.24
CA ALA A 49 -26.33 -23.99 -38.41
C ALA A 49 -26.64 -23.53 -39.83
N THR A 50 -25.71 -22.79 -40.43
CA THR A 50 -25.90 -22.28 -41.79
C THR A 50 -25.07 -23.05 -42.82
N ARG A 51 -23.93 -23.58 -42.39
CA ARG A 51 -23.01 -24.27 -43.27
C ARG A 51 -22.19 -23.23 -44.05
N LYS A 52 -22.42 -21.97 -43.74
CA LYS A 52 -21.64 -20.88 -44.32
C LYS A 52 -20.27 -20.79 -43.66
N GLU A 53 -19.24 -20.53 -44.46
CA GLU A 53 -17.90 -20.33 -43.94
C GLU A 53 -17.57 -18.85 -44.00
N GLY A 54 -17.11 -18.30 -42.88
CA GLY A 54 -16.78 -16.89 -42.80
C GLY A 54 -15.89 -16.54 -41.64
N TYR A 55 -15.92 -15.28 -41.23
CA TYR A 55 -15.11 -14.81 -40.12
C TYR A 55 -15.99 -14.50 -38.91
N ILE A 56 -15.58 -14.98 -37.74
CA ILE A 56 -16.25 -14.64 -36.50
C ILE A 56 -15.29 -13.93 -35.57
N PRO A 57 -15.82 -13.08 -34.67
CA PRO A 57 -14.98 -12.42 -33.68
C PRO A 57 -14.55 -13.41 -32.60
N SER A 58 -13.27 -13.76 -32.58
CA SER A 58 -12.76 -14.81 -31.69
C SER A 58 -13.26 -14.67 -30.25
N ASN A 59 -13.41 -13.44 -29.79
CA ASN A 59 -13.82 -13.19 -28.41
C ASN A 59 -15.34 -13.28 -28.20
N TYR A 60 -16.02 -13.87 -29.18
CA TYR A 60 -17.47 -14.04 -29.12
C TYR A 60 -17.83 -15.51 -28.91
N VAL A 61 -16.81 -16.35 -28.86
CA VAL A 61 -17.02 -17.79 -28.75
C VAL A 61 -15.92 -18.47 -27.95
N ALA A 62 -16.23 -19.60 -27.34
CA ALA A 62 -15.26 -20.37 -26.58
C ALA A 62 -15.46 -21.86 -26.84
N ARG A 63 -14.40 -22.65 -26.71
CA ARG A 63 -14.52 -24.10 -26.87
C ARG A 63 -15.68 -24.62 -26.04
N VAL A 64 -16.45 -25.54 -26.62
CA VAL A 64 -17.62 -26.08 -25.94
C VAL A 64 -17.27 -26.85 -24.67
N ASP A 65 -18.23 -26.97 -23.78
CA ASP A 65 -18.03 -27.60 -22.48
C ASP A 65 -16.83 -27.01 -21.73
N SER A 66 -16.29 -25.93 -22.27
CA SER A 66 -15.27 -25.16 -21.57
C SER A 66 -15.97 -24.20 -20.60
N LEU A 67 -15.25 -23.76 -19.58
CA LEU A 67 -15.85 -22.96 -18.51
C LEU A 67 -16.51 -21.66 -18.97
N GLU A 68 -15.90 -20.99 -19.93
CA GLU A 68 -16.43 -19.73 -20.44
C GLU A 68 -17.87 -19.89 -20.92
N THR A 69 -18.18 -21.08 -21.42
CA THR A 69 -19.52 -21.40 -21.90
C THR A 69 -20.57 -21.20 -20.80
N GLU A 70 -20.16 -21.41 -19.55
CA GLU A 70 -21.05 -21.27 -18.41
C GLU A 70 -21.42 -19.81 -18.18
N GLU A 71 -22.63 -19.57 -17.70
CA GLU A 71 -23.13 -18.22 -17.49
C GLU A 71 -22.60 -17.57 -16.22
N TRP A 72 -22.19 -18.38 -15.26
CA TRP A 72 -21.68 -17.86 -13.99
C TRP A 72 -20.17 -17.71 -13.95
N PHE A 73 -19.49 -18.11 -15.02
CA PHE A 73 -18.04 -18.00 -15.08
C PHE A 73 -17.57 -16.75 -15.84
N PHE A 74 -16.55 -16.09 -15.31
CA PHE A 74 -15.99 -14.91 -15.94
C PHE A 74 -14.48 -15.03 -16.06
N LYS A 75 -13.99 -15.27 -17.27
CA LYS A 75 -12.57 -15.47 -17.49
C LYS A 75 -11.78 -14.17 -17.41
N GLY A 76 -10.60 -14.24 -16.80
CA GLY A 76 -9.68 -13.11 -16.76
C GLY A 76 -10.22 -11.85 -16.13
N ILE A 77 -10.88 -12.00 -14.98
CA ILE A 77 -11.40 -10.83 -14.27
C ILE A 77 -10.73 -10.64 -12.92
N SER A 78 -10.29 -9.41 -12.65
CA SER A 78 -9.66 -9.07 -11.38
C SER A 78 -10.73 -8.99 -10.29
N ARG A 79 -10.29 -9.06 -9.04
CA ARG A 79 -11.21 -8.99 -7.90
C ARG A 79 -11.99 -7.67 -7.89
N LYS A 80 -11.29 -6.57 -8.18
CA LYS A 80 -11.94 -5.27 -8.18
C LYS A 80 -12.97 -5.14 -9.29
N ASP A 81 -12.61 -5.56 -10.50
CA ASP A 81 -13.56 -5.54 -11.61
C ASP A 81 -14.71 -6.52 -11.37
N ALA A 82 -14.39 -7.65 -10.73
CA ALA A 82 -15.42 -8.61 -10.34
C ALA A 82 -16.42 -7.91 -9.42
N GLU A 83 -15.90 -7.04 -8.57
CA GLU A 83 -16.70 -6.29 -7.62
C GLU A 83 -17.44 -5.13 -8.28
N ARG A 84 -16.91 -4.66 -9.40
CA ARG A 84 -17.54 -3.56 -10.15
C ARG A 84 -18.74 -4.05 -10.94
N GLN A 85 -18.66 -5.28 -11.42
CA GLN A 85 -19.71 -5.82 -12.27
C GLN A 85 -20.89 -6.38 -11.45
N LEU A 86 -20.64 -6.64 -10.17
CA LEU A 86 -21.67 -7.15 -9.28
C LEU A 86 -22.45 -6.01 -8.61
N LEU A 87 -21.91 -4.80 -8.68
CA LEU A 87 -22.59 -3.65 -8.09
C LEU A 87 -23.22 -2.78 -9.17
N ALA A 88 -23.02 -3.17 -10.43
CA ALA A 88 -23.70 -2.53 -11.54
C ALA A 88 -25.17 -2.94 -11.52
N PRO A 89 -26.08 -2.00 -11.84
CA PRO A 89 -27.51 -2.29 -11.83
C PRO A 89 -27.85 -3.55 -12.62
N GLY A 90 -28.94 -4.20 -12.28
CA GLY A 90 -29.34 -5.42 -12.96
C GLY A 90 -29.02 -6.66 -12.14
N ASN A 91 -28.16 -6.50 -11.15
CA ASN A 91 -27.84 -7.59 -10.23
C ASN A 91 -28.60 -7.40 -8.93
N MET A 92 -28.65 -8.46 -8.11
CA MET A 92 -29.40 -8.42 -6.87
C MET A 92 -28.68 -9.17 -5.77
N LEU A 93 -29.14 -9.00 -4.54
CA LEU A 93 -28.63 -9.76 -3.41
C LEU A 93 -28.59 -11.23 -3.80
N GLY A 94 -27.39 -11.82 -3.74
CA GLY A 94 -27.23 -13.21 -4.12
C GLY A 94 -26.53 -13.38 -5.46
N SER A 95 -26.49 -12.30 -6.24
CA SER A 95 -25.80 -12.33 -7.52
C SER A 95 -24.35 -12.75 -7.32
N PHE A 96 -23.88 -13.69 -8.14
CA PHE A 96 -22.55 -14.26 -7.93
C PHE A 96 -21.74 -14.42 -9.21
N MET A 97 -20.64 -15.15 -9.10
CA MET A 97 -19.79 -15.47 -10.24
C MET A 97 -18.55 -16.24 -9.78
N ILE A 98 -17.99 -17.03 -10.69
CA ILE A 98 -16.72 -17.68 -10.45
C ILE A 98 -15.71 -17.14 -11.47
N ARG A 99 -14.46 -17.00 -11.05
CA ARG A 99 -13.45 -16.37 -11.91
C ARG A 99 -12.06 -16.91 -11.62
N ASP A 100 -11.12 -16.58 -12.50
CA ASP A 100 -9.72 -16.89 -12.27
C ASP A 100 -9.24 -16.01 -11.13
N SER A 101 -8.65 -16.62 -10.10
CA SER A 101 -8.16 -15.86 -8.96
C SER A 101 -6.86 -15.15 -9.33
N GLU A 102 -6.70 -13.92 -8.83
CA GLU A 102 -5.50 -13.14 -9.10
C GLU A 102 -4.31 -13.68 -8.32
N THR A 103 -4.50 -13.74 -7.01
CA THR A 103 -3.42 -14.11 -6.09
C THR A 103 -2.99 -15.56 -6.22
N THR A 104 -3.95 -16.47 -6.16
CA THR A 104 -3.67 -17.90 -6.32
C THR A 104 -3.84 -18.32 -7.78
N LYS A 105 -2.74 -18.26 -8.54
CA LYS A 105 -2.77 -18.56 -9.96
C LYS A 105 -3.25 -19.99 -10.25
N GLY A 106 -3.98 -20.15 -11.35
CA GLY A 106 -4.44 -21.46 -11.77
C GLY A 106 -5.59 -21.99 -10.95
N SER A 107 -6.00 -21.22 -9.94
CA SER A 107 -7.14 -21.60 -9.10
C SER A 107 -8.30 -20.64 -9.34
N TYR A 108 -9.41 -20.88 -8.65
CA TYR A 108 -10.61 -20.09 -8.89
C TYR A 108 -11.16 -19.48 -7.61
N SER A 109 -11.95 -18.42 -7.76
CA SER A 109 -12.50 -17.70 -6.62
C SER A 109 -13.99 -17.41 -6.81
N LEU A 110 -14.72 -17.31 -5.71
CA LEU A 110 -16.15 -17.05 -5.75
C LEU A 110 -16.51 -15.65 -5.24
N SER A 111 -17.22 -14.89 -6.06
CA SER A 111 -17.63 -13.55 -5.69
C SER A 111 -19.15 -13.44 -5.59
N VAL A 112 -19.63 -13.17 -4.38
CA VAL A 112 -21.06 -13.09 -4.11
C VAL A 112 -21.49 -11.68 -3.70
N ARG A 113 -22.59 -11.21 -4.27
CA ARG A 113 -23.19 -9.96 -3.84
C ARG A 113 -23.74 -10.14 -2.44
N ASP A 114 -23.88 -9.05 -1.70
CA ASP A 114 -24.30 -9.11 -0.31
C ASP A 114 -24.75 -7.74 0.17
N TYR A 115 -25.46 -7.72 1.29
CA TYR A 115 -25.79 -6.46 1.94
C TYR A 115 -25.25 -6.44 3.36
N ASP A 116 -24.37 -5.48 3.64
CA ASP A 116 -23.86 -5.26 4.98
C ASP A 116 -24.58 -4.05 5.54
N PRO A 117 -25.40 -4.26 6.59
CA PRO A 117 -26.21 -3.16 7.15
C PRO A 117 -25.38 -1.95 7.53
N ARG A 118 -24.06 -2.11 7.63
CA ARG A 118 -23.20 -1.02 8.08
C ARG A 118 -22.43 -0.34 6.93
N GLN A 119 -22.24 -1.07 5.83
CA GLN A 119 -21.57 -0.52 4.66
C GLN A 119 -22.56 -0.28 3.52
N GLY A 120 -23.47 -1.22 3.34
CA GLY A 120 -24.43 -1.17 2.25
C GLY A 120 -24.24 -2.37 1.35
N ASP A 121 -24.44 -2.18 0.05
CA ASP A 121 -24.19 -3.24 -0.92
C ASP A 121 -22.70 -3.48 -1.07
N THR A 122 -22.26 -4.71 -0.82
CA THR A 122 -20.85 -5.08 -0.97
C THR A 122 -20.69 -6.36 -1.77
N VAL A 123 -19.44 -6.80 -1.88
CA VAL A 123 -19.12 -8.03 -2.59
C VAL A 123 -18.05 -8.81 -1.83
N LYS A 124 -18.41 -10.01 -1.37
CA LYS A 124 -17.45 -10.85 -0.68
C LYS A 124 -16.80 -11.80 -1.67
N HIS A 125 -15.60 -12.27 -1.35
CA HIS A 125 -14.88 -13.18 -2.22
C HIS A 125 -14.37 -14.38 -1.42
N TYR A 126 -14.39 -15.55 -2.05
CA TYR A 126 -13.87 -16.76 -1.44
C TYR A 126 -12.93 -17.44 -2.42
N LYS A 127 -11.90 -18.08 -1.91
CA LYS A 127 -10.99 -18.84 -2.75
C LYS A 127 -11.57 -20.23 -2.93
N ILE A 128 -10.93 -21.04 -3.77
CA ILE A 128 -11.43 -22.38 -4.07
C ILE A 128 -10.29 -23.29 -4.52
N ARG A 129 -10.12 -24.40 -3.82
CA ARG A 129 -9.03 -25.33 -4.09
C ARG A 129 -9.53 -26.66 -4.64
N PHE A 136 -12.48 -29.84 -6.19
CA PHE A 136 -12.42 -28.48 -5.66
C PHE A 136 -13.27 -28.36 -4.41
N TYR A 137 -13.04 -27.31 -3.63
CA TYR A 137 -13.84 -27.06 -2.44
C TYR A 137 -13.61 -25.63 -1.91
N ILE A 138 -14.59 -25.14 -1.15
CA ILE A 138 -14.43 -23.91 -0.41
C ILE A 138 -14.15 -24.27 1.04
N SER A 139 -15.19 -24.72 1.72
CA SER A 139 -15.07 -25.22 3.08
C SER A 139 -14.85 -26.72 3.02
N PRO A 140 -13.77 -27.21 3.66
CA PRO A 140 -13.39 -28.62 3.58
C PRO A 140 -14.52 -29.50 4.09
N ARG A 141 -15.53 -28.85 4.65
CA ARG A 141 -16.77 -29.48 5.06
C ARG A 141 -17.50 -30.00 3.84
N SER A 142 -18.06 -29.09 3.06
CA SER A 142 -18.78 -29.44 1.84
C SER A 142 -17.84 -29.47 0.64
N THR A 143 -17.44 -30.67 0.24
CA THR A 143 -16.55 -30.84 -0.91
C THR A 143 -17.36 -31.15 -2.17
N PHE A 144 -16.80 -30.82 -3.33
CA PHE A 144 -17.54 -30.95 -4.60
C PHE A 144 -16.67 -31.36 -5.79
N SER A 145 -17.29 -32.00 -6.78
CA SER A 145 -16.60 -32.60 -7.91
C SER A 145 -16.33 -31.64 -9.07
N THR A 146 -17.29 -30.76 -9.35
CA THR A 146 -17.14 -29.78 -10.41
C THR A 146 -17.83 -28.48 -9.99
N LEU A 147 -17.29 -27.35 -10.45
CA LEU A 147 -17.85 -26.04 -10.09
C LEU A 147 -19.37 -26.00 -10.21
N GLN A 148 -19.92 -26.78 -11.14
CA GLN A 148 -21.36 -26.86 -11.33
C GLN A 148 -22.06 -27.39 -10.08
N GLU A 149 -21.60 -28.55 -9.60
CA GLU A 149 -22.09 -29.12 -8.36
C GLU A 149 -22.00 -28.06 -7.27
N LEU A 150 -20.78 -27.55 -7.07
CA LEU A 150 -20.53 -26.51 -6.08
C LEU A 150 -21.52 -25.36 -6.18
N VAL A 151 -21.67 -24.81 -7.38
CA VAL A 151 -22.58 -23.69 -7.59
C VAL A 151 -24.00 -24.02 -7.14
N ASP A 152 -24.57 -25.05 -7.74
CA ASP A 152 -25.96 -25.43 -7.45
C ASP A 152 -26.22 -25.67 -5.97
N HIS A 153 -25.19 -26.09 -5.24
CA HIS A 153 -25.32 -26.30 -3.81
C HIS A 153 -25.72 -25.02 -3.08
N TYR A 154 -24.81 -24.05 -3.08
CA TYR A 154 -25.00 -22.82 -2.31
C TYR A 154 -26.21 -22.00 -2.77
N LYS A 155 -26.94 -22.52 -3.74
CA LYS A 155 -28.14 -21.85 -4.25
C LYS A 155 -29.35 -22.01 -3.32
N LYS A 156 -29.28 -22.98 -2.43
CA LYS A 156 -30.33 -23.18 -1.43
C LYS A 156 -29.73 -23.12 -0.04
N GLY A 157 -30.09 -22.08 0.71
CA GLY A 157 -29.57 -21.88 2.05
C GLY A 157 -28.07 -21.65 2.04
N ASN A 158 -27.65 -20.45 2.41
CA ASN A 158 -26.23 -20.13 2.48
C ASN A 158 -25.49 -21.05 3.43
N ASP A 159 -24.53 -21.81 2.90
CA ASP A 159 -23.77 -22.75 3.72
C ASP A 159 -22.67 -22.03 4.49
N GLY A 160 -23.03 -20.89 5.07
CA GLY A 160 -22.08 -20.08 5.82
C GLY A 160 -21.68 -18.84 5.04
N LEU A 161 -22.14 -18.75 3.80
CA LEU A 161 -21.81 -17.62 2.94
C LEU A 161 -22.62 -16.39 3.30
N CYS A 162 -21.99 -15.23 3.15
CA CYS A 162 -22.64 -13.93 3.37
C CYS A 162 -24.10 -13.92 2.93
N GLN A 163 -24.38 -14.61 1.83
CA GLN A 163 -25.73 -14.69 1.28
C GLN A 163 -25.86 -16.01 0.55
N LYS A 164 -27.02 -16.25 -0.07
CA LYS A 164 -27.22 -17.49 -0.81
C LYS A 164 -27.23 -17.24 -2.33
N LEU A 165 -26.44 -18.02 -3.05
CA LEU A 165 -26.29 -17.87 -4.49
C LEU A 165 -27.63 -17.87 -5.22
N SER A 166 -27.97 -16.73 -5.82
CA SER A 166 -29.21 -16.63 -6.58
C SER A 166 -28.97 -16.66 -8.09
N VAL A 167 -28.71 -15.49 -8.68
CA VAL A 167 -28.62 -15.38 -10.13
C VAL A 167 -27.23 -14.94 -10.60
N PRO A 168 -26.68 -15.63 -11.59
CA PRO A 168 -25.36 -15.28 -12.15
C PRO A 168 -25.25 -13.78 -12.43
N CYS A 169 -24.02 -13.28 -12.55
CA CYS A 169 -23.80 -11.85 -12.71
C CYS A 169 -24.13 -11.37 -14.13
N MET A 170 -24.86 -10.27 -14.21
CA MET A 170 -25.16 -9.63 -15.49
C MET A 170 -23.89 -9.49 -16.31
N SER A 171 -23.86 -10.15 -17.46
CA SER A 171 -22.71 -10.09 -18.35
C SER A 171 -22.98 -9.14 -19.50
N SER A 172 -21.96 -8.39 -19.89
CA SER A 172 -22.11 -7.41 -20.98
C SER A 172 -21.78 -8.05 -22.32
N LYS A 173 -22.22 -7.40 -23.40
CA LYS A 173 -21.85 -7.86 -24.73
C LYS A 173 -20.55 -7.18 -25.15
N PRO A 174 -19.53 -7.98 -25.44
CA PRO A 174 -18.18 -7.48 -25.77
C PRO A 174 -18.24 -6.54 -26.96
N GLN A 175 -17.28 -5.65 -27.08
CA GLN A 175 -17.23 -4.76 -28.23
C GLN A 175 -16.85 -5.57 -29.47
N LYS A 176 -17.43 -5.21 -30.62
CA LYS A 176 -17.09 -5.87 -31.87
C LYS A 176 -15.68 -5.47 -32.28
N PRO A 177 -14.83 -6.46 -32.58
CA PRO A 177 -13.49 -6.09 -33.04
C PRO A 177 -13.54 -5.26 -34.32
N TRP A 178 -12.53 -4.43 -34.50
CA TRP A 178 -12.43 -3.55 -35.65
C TRP A 178 -12.22 -4.38 -36.90
N GLU A 179 -12.69 -3.88 -38.04
CA GLU A 179 -12.54 -4.59 -39.30
C GLU A 179 -11.19 -5.29 -39.39
N LYS A 180 -11.20 -6.46 -40.03
CA LYS A 180 -9.99 -7.25 -40.22
C LYS A 180 -8.95 -6.46 -40.99
N ASP A 181 -7.73 -6.40 -40.47
CA ASP A 181 -6.62 -5.72 -41.13
C ASP A 181 -7.03 -4.38 -41.74
N ALA A 182 -7.35 -3.42 -40.88
CA ALA A 182 -7.77 -2.09 -41.33
C ALA A 182 -7.36 -1.00 -40.34
N TRP A 183 -6.06 -0.94 -40.04
CA TRP A 183 -5.52 0.06 -39.14
C TRP A 183 -5.48 1.42 -39.83
N GLU A 184 -5.09 1.41 -41.10
CA GLU A 184 -5.15 2.61 -41.92
C GLU A 184 -6.36 2.51 -42.84
N ILE A 185 -7.17 3.55 -42.84
CA ILE A 185 -8.37 3.57 -43.67
C ILE A 185 -8.35 4.76 -44.62
N PRO A 186 -9.05 4.63 -45.76
CA PRO A 186 -9.27 5.74 -46.70
C PRO A 186 -10.26 6.70 -46.07
N ARG A 187 -10.06 8.00 -46.24
CA ARG A 187 -10.93 8.95 -45.57
C ARG A 187 -12.40 8.77 -45.96
N GLU A 188 -12.63 8.24 -47.15
CA GLU A 188 -13.99 8.04 -47.67
C GLU A 188 -14.80 7.04 -46.84
N SER A 189 -14.10 6.19 -46.10
CA SER A 189 -14.78 5.21 -45.25
C SER A 189 -15.50 5.92 -44.11
N LEU A 190 -15.25 7.22 -43.98
CA LEU A 190 -15.78 7.98 -42.87
C LEU A 190 -16.80 9.05 -43.25
N LYS A 191 -17.82 9.19 -42.42
CA LYS A 191 -18.72 10.33 -42.45
C LYS A 191 -18.65 10.99 -41.08
N LEU A 192 -18.00 12.14 -40.97
CA LEU A 192 -18.04 12.87 -39.71
C LEU A 192 -19.37 13.64 -39.64
N GLU A 193 -20.30 13.12 -38.86
CA GLU A 193 -21.67 13.64 -38.84
C GLU A 193 -21.86 14.86 -37.93
N LYS A 194 -21.44 14.73 -36.68
CA LYS A 194 -21.61 15.82 -35.71
C LYS A 194 -20.33 16.19 -34.97
N LYS A 195 -20.00 17.48 -34.96
CA LYS A 195 -18.82 17.99 -34.26
C LYS A 195 -19.09 18.13 -32.75
N LEU A 196 -18.27 17.47 -31.94
CA LEU A 196 -18.45 17.47 -30.50
C LEU A 196 -17.64 18.55 -29.80
N GLY A 197 -16.46 18.86 -30.33
CA GLY A 197 -15.58 19.85 -29.74
C GLY A 197 -14.53 20.37 -30.69
N ALA A 198 -14.04 21.57 -30.41
CA ALA A 198 -12.96 22.17 -31.20
C ALA A 198 -11.92 22.78 -30.27
N GLY A 199 -10.80 23.23 -30.84
CA GLY A 199 -9.74 23.80 -30.05
C GLY A 199 -8.50 24.15 -30.86
N GLN A 200 -7.45 24.54 -30.16
CA GLN A 200 -6.22 25.00 -30.80
C GLN A 200 -5.71 24.02 -31.86
N PHE A 201 -5.93 22.73 -31.64
CA PHE A 201 -5.25 21.71 -32.44
C PHE A 201 -6.12 20.89 -33.39
N GLY A 202 -7.43 21.02 -33.26
CA GLY A 202 -8.34 20.34 -34.16
C GLY A 202 -9.69 20.15 -33.53
N GLU A 203 -10.52 19.30 -34.14
CA GLU A 203 -11.83 19.03 -33.59
C GLU A 203 -12.00 17.56 -33.26
N VAL A 204 -13.07 17.23 -32.55
CA VAL A 204 -13.47 15.86 -32.31
C VAL A 204 -14.89 15.69 -32.80
N TRP A 205 -15.09 14.69 -33.65
CA TRP A 205 -16.38 14.44 -34.27
C TRP A 205 -16.95 13.06 -33.91
N MET A 206 -18.27 12.98 -33.79
CA MET A 206 -18.95 11.70 -33.79
C MET A 206 -19.07 11.27 -35.25
N ALA A 207 -18.56 10.08 -35.57
CA ALA A 207 -18.51 9.63 -36.96
C ALA A 207 -19.02 8.20 -37.15
N THR A 208 -19.31 7.87 -38.41
CA THR A 208 -19.65 6.50 -38.78
C THR A 208 -18.63 5.97 -39.78
N TYR A 209 -18.18 4.74 -39.55
CA TYR A 209 -17.22 4.10 -40.45
C TYR A 209 -17.94 3.03 -41.27
N ASN A 210 -17.92 3.19 -42.59
CA ASN A 210 -18.61 2.30 -43.51
C ASN A 210 -20.06 2.02 -43.14
N LYS A 211 -20.86 3.08 -43.06
CA LYS A 211 -22.31 2.96 -42.86
C LYS A 211 -22.69 2.05 -41.68
N HIS A 212 -21.69 1.48 -41.00
CA HIS A 212 -21.97 0.40 -40.05
C HIS A 212 -21.49 0.58 -38.61
N THR A 213 -20.41 1.33 -38.41
CA THR A 213 -19.79 1.39 -37.08
C THR A 213 -19.67 2.82 -36.53
N LYS A 214 -20.30 3.06 -35.38
CA LYS A 214 -20.21 4.36 -34.73
C LYS A 214 -18.85 4.54 -34.08
N VAL A 215 -18.23 5.69 -34.32
CA VAL A 215 -16.88 5.93 -33.82
C VAL A 215 -16.63 7.40 -33.54
N ALA A 216 -15.48 7.70 -32.94
CA ALA A 216 -15.08 9.08 -32.71
C ALA A 216 -13.84 9.43 -33.51
N VAL A 217 -13.78 10.67 -33.99
CA VAL A 217 -12.66 11.12 -34.80
C VAL A 217 -12.03 12.41 -34.27
N LYS A 218 -10.73 12.34 -33.99
CA LYS A 218 -9.98 13.55 -33.70
C LYS A 218 -9.21 13.99 -34.93
N THR A 219 -9.67 15.09 -35.53
CA THR A 219 -9.03 15.64 -36.70
C THR A 219 -7.88 16.57 -36.28
N MET A 220 -6.72 16.39 -36.89
CA MET A 220 -5.54 17.15 -36.49
C MET A 220 -5.15 18.21 -37.51
N LYS A 221 -5.30 19.48 -37.13
CA LYS A 221 -4.88 20.57 -37.98
C LYS A 221 -3.42 20.36 -38.36
N PRO A 222 -3.09 20.52 -39.65
CA PRO A 222 -1.72 20.29 -40.09
C PRO A 222 -0.72 21.22 -39.40
N GLY A 223 0.02 20.68 -38.43
CA GLY A 223 1.10 21.39 -37.79
C GLY A 223 2.43 20.81 -38.26
N SER A 224 3.33 20.52 -37.32
CA SER A 224 4.58 19.83 -37.65
C SER A 224 5.59 19.80 -36.50
N MET A 225 5.47 18.80 -35.62
CA MET A 225 4.41 17.81 -35.69
C MET A 225 4.38 17.03 -37.01
N SER A 226 5.55 16.63 -37.49
CA SER A 226 5.66 15.91 -38.76
C SER A 226 4.64 14.77 -38.84
N VAL A 227 4.19 14.47 -40.05
CA VAL A 227 3.19 13.44 -40.27
C VAL A 227 3.76 12.03 -40.04
N GLU A 228 4.94 11.79 -40.60
CA GLU A 228 5.61 10.50 -40.42
C GLU A 228 6.22 10.41 -39.03
N ALA A 229 6.34 11.57 -38.39
CA ALA A 229 6.75 11.61 -36.99
C ALA A 229 5.56 11.16 -36.14
N PHE A 230 4.42 11.78 -36.36
CA PHE A 230 3.20 11.43 -35.64
C PHE A 230 2.86 9.95 -35.77
N LEU A 231 2.94 9.43 -36.99
CA LEU A 231 2.54 8.05 -37.26
C LEU A 231 3.40 7.03 -36.52
N ALA A 232 4.64 7.39 -36.24
CA ALA A 232 5.52 6.52 -35.46
C ALA A 232 4.95 6.36 -34.05
N GLU A 233 4.55 7.47 -33.44
CA GLU A 233 3.96 7.46 -32.12
C GLU A 233 2.65 6.68 -32.13
N ALA A 234 1.81 6.97 -33.12
CA ALA A 234 0.49 6.34 -33.24
C ALA A 234 0.56 4.82 -33.34
N ASN A 235 1.68 4.30 -33.83
CA ASN A 235 1.87 2.85 -33.91
C ASN A 235 2.29 2.27 -32.57
N VAL A 236 2.90 3.09 -31.74
CA VAL A 236 3.15 2.72 -30.35
C VAL A 236 1.85 2.88 -29.58
N MET A 237 1.17 4.00 -29.81
CA MET A 237 -0.13 4.25 -29.20
C MET A 237 -1.06 3.07 -29.40
N LYS A 238 -1.01 2.47 -30.59
CA LYS A 238 -1.85 1.32 -30.92
C LYS A 238 -1.64 0.15 -29.97
N THR A 239 -0.40 -0.03 -29.50
CA THR A 239 -0.04 -1.20 -28.70
C THR A 239 -0.31 -1.03 -27.21
N LEU A 240 -0.78 0.14 -26.82
CA LEU A 240 -1.13 0.39 -25.42
C LEU A 240 -2.61 0.14 -25.19
N GLN A 241 -2.99 -1.13 -25.20
CA GLN A 241 -4.39 -1.53 -25.05
C GLN A 241 -4.67 -1.96 -23.62
N HIS A 242 -5.83 -1.55 -23.10
CA HIS A 242 -6.19 -1.80 -21.72
C HIS A 242 -7.62 -1.31 -21.52
N ASP A 243 -8.36 -1.95 -20.62
CA ASP A 243 -9.76 -1.59 -20.42
C ASP A 243 -9.92 -0.14 -19.97
N LYS A 244 -8.82 0.48 -19.54
CA LYS A 244 -8.87 1.83 -19.01
C LYS A 244 -8.17 2.86 -19.90
N LEU A 245 -7.68 2.42 -21.05
CA LEU A 245 -7.24 3.34 -22.11
C LEU A 245 -8.28 3.33 -23.24
N VAL A 246 -8.66 4.51 -23.71
CA VAL A 246 -9.55 4.57 -24.87
C VAL A 246 -8.87 3.87 -26.04
N LYS A 247 -9.64 3.15 -26.83
CA LYS A 247 -9.12 2.23 -27.83
C LYS A 247 -8.98 2.88 -29.20
N LEU A 248 -7.74 2.93 -29.71
CA LEU A 248 -7.50 3.42 -31.07
C LEU A 248 -7.91 2.36 -32.08
N HIS A 249 -8.84 2.71 -32.97
CA HIS A 249 -9.29 1.79 -33.99
C HIS A 249 -8.48 1.92 -35.27
N ALA A 250 -8.42 3.14 -35.81
CA ALA A 250 -7.80 3.37 -37.10
C ALA A 250 -7.23 4.78 -37.22
N VAL A 251 -6.57 5.02 -38.35
CA VAL A 251 -5.90 6.28 -38.60
C VAL A 251 -5.92 6.60 -40.10
N VAL A 252 -6.13 7.88 -40.44
CA VAL A 252 -5.98 8.33 -41.82
C VAL A 252 -4.67 9.10 -41.93
N THR A 253 -3.76 8.61 -42.77
CA THR A 253 -2.37 9.07 -42.76
C THR A 253 -2.08 10.29 -43.64
N LYS A 254 -3.13 10.86 -44.23
CA LYS A 254 -2.95 11.99 -45.15
C LYS A 254 -3.36 13.32 -44.51
N GLU A 255 -2.39 14.19 -44.25
CA GLU A 255 -2.64 15.52 -43.72
C GLU A 255 -3.87 16.11 -44.43
N PRO A 256 -4.91 16.49 -43.67
CA PRO A 256 -5.01 16.51 -42.21
C PRO A 256 -5.29 15.13 -41.62
N ILE A 257 -4.48 14.74 -40.64
CA ILE A 257 -4.59 13.41 -40.05
C ILE A 257 -5.82 13.21 -39.18
N TYR A 258 -6.44 12.04 -39.30
CA TYR A 258 -7.60 11.68 -38.50
C TYR A 258 -7.28 10.50 -37.58
N ILE A 259 -7.65 10.62 -36.32
CA ILE A 259 -7.49 9.52 -35.36
C ILE A 259 -8.86 8.93 -35.01
N ILE A 260 -9.08 7.69 -35.42
CA ILE A 260 -10.37 7.05 -35.18
C ILE A 260 -10.35 6.20 -33.90
N THR A 261 -11.23 6.51 -32.96
CA THR A 261 -11.29 5.78 -31.70
C THR A 261 -12.70 5.29 -31.41
N GLU A 262 -12.83 4.50 -30.35
CA GLU A 262 -14.14 4.05 -29.89
C GLU A 262 -14.91 5.27 -29.41
N PHE A 263 -16.22 5.25 -29.60
CA PHE A 263 -17.06 6.36 -29.17
C PHE A 263 -17.48 6.20 -27.71
N MET A 264 -17.14 7.18 -26.88
CA MET A 264 -17.49 7.17 -25.47
C MET A 264 -18.70 8.06 -25.19
N ALA A 265 -19.80 7.44 -24.75
CA ALA A 265 -21.11 8.09 -24.69
C ALA A 265 -21.19 9.37 -23.84
N LYS A 266 -20.68 9.31 -22.62
CA LYS A 266 -20.85 10.42 -21.69
C LYS A 266 -19.71 11.45 -21.74
N GLY A 267 -18.95 11.43 -22.84
CA GLY A 267 -17.93 12.43 -23.09
C GLY A 267 -16.80 12.48 -22.08
N SER A 268 -16.32 13.67 -21.78
CA SER A 268 -15.21 13.85 -20.84
C SER A 268 -15.69 13.71 -19.40
N LEU A 269 -14.79 13.26 -18.54
CA LEU A 269 -15.05 13.17 -17.12
C LEU A 269 -15.39 14.57 -16.61
N LEU A 270 -14.59 15.54 -17.05
CA LEU A 270 -14.80 16.93 -16.69
C LEU A 270 -16.24 17.33 -16.95
N ASP A 271 -16.70 17.13 -18.18
CA ASP A 271 -18.06 17.48 -18.53
C ASP A 271 -19.12 16.66 -17.78
N PHE A 272 -18.82 15.39 -17.50
CA PHE A 272 -19.79 14.53 -16.82
C PHE A 272 -19.99 14.92 -15.36
N LEU A 273 -18.91 15.27 -14.67
CA LEU A 273 -18.98 15.64 -13.26
C LEU A 273 -19.74 16.95 -13.04
N LYS A 274 -19.72 17.81 -14.05
CA LYS A 274 -20.41 19.09 -13.99
C LYS A 274 -21.90 18.96 -14.32
N SER A 275 -22.30 17.83 -14.90
CA SER A 275 -23.68 17.63 -15.33
C SER A 275 -24.59 17.12 -14.21
N ASP A 276 -25.85 16.91 -14.54
CA ASP A 276 -26.83 16.42 -13.58
C ASP A 276 -26.44 15.06 -13.02
N GLU A 277 -26.27 14.09 -13.92
CA GLU A 277 -25.92 12.73 -13.53
C GLU A 277 -24.66 12.73 -12.68
N GLY A 278 -23.70 13.58 -13.05
CA GLY A 278 -22.48 13.72 -12.27
C GLY A 278 -22.76 14.13 -10.84
N SER A 279 -23.56 15.18 -10.68
CA SER A 279 -23.84 15.74 -9.36
C SER A 279 -24.49 14.74 -8.39
N LYS A 280 -25.07 13.67 -8.93
CA LYS A 280 -25.72 12.67 -8.08
C LYS A 280 -24.73 11.62 -7.55
N GLN A 281 -23.61 11.45 -8.26
CA GLN A 281 -22.60 10.47 -7.88
C GLN A 281 -22.07 10.70 -6.47
N PRO A 282 -22.26 9.71 -5.59
CA PRO A 282 -21.74 9.78 -4.22
C PRO A 282 -20.23 9.56 -4.17
N LEU A 283 -19.62 9.79 -3.01
CA LEU A 283 -18.17 9.81 -2.87
C LEU A 283 -17.46 8.50 -3.22
N PRO A 284 -18.02 7.35 -2.78
CA PRO A 284 -17.43 6.07 -3.15
C PRO A 284 -17.37 5.87 -4.65
N LYS A 285 -18.29 6.48 -5.38
CA LYS A 285 -18.26 6.45 -6.84
C LYS A 285 -17.11 7.30 -7.37
N LEU A 286 -16.99 8.52 -6.85
CA LEU A 286 -15.91 9.41 -7.25
C LEU A 286 -14.57 8.70 -7.05
N ILE A 287 -14.41 8.09 -5.88
CA ILE A 287 -13.20 7.35 -5.55
C ILE A 287 -12.95 6.23 -6.56
N ASP A 288 -14.00 5.51 -6.92
CA ASP A 288 -13.89 4.43 -7.89
C ASP A 288 -13.38 4.94 -9.23
N PHE A 289 -13.93 6.08 -9.67
CA PHE A 289 -13.50 6.71 -10.91
C PHE A 289 -11.98 6.87 -10.93
N SER A 290 -11.45 7.54 -9.90
CA SER A 290 -10.01 7.79 -9.83
C SER A 290 -9.23 6.48 -9.65
N ALA A 291 -9.89 5.47 -9.12
CA ALA A 291 -9.29 4.14 -9.03
C ALA A 291 -9.09 3.56 -10.42
N GLN A 292 -10.10 3.72 -11.27
CA GLN A 292 -10.03 3.25 -12.65
C GLN A 292 -8.92 3.97 -13.43
N ILE A 293 -8.76 5.26 -13.17
CA ILE A 293 -7.76 6.07 -13.85
C ILE A 293 -6.36 5.68 -13.37
N ALA A 294 -6.24 5.38 -12.08
CA ALA A 294 -4.99 4.90 -11.52
C ALA A 294 -4.63 3.56 -12.14
N GLU A 295 -5.65 2.73 -12.41
CA GLU A 295 -5.42 1.45 -13.05
C GLU A 295 -4.84 1.66 -14.45
N GLY A 296 -5.40 2.63 -15.18
CA GLY A 296 -4.90 3.00 -16.49
C GLY A 296 -3.50 3.58 -16.43
N MET A 297 -3.26 4.42 -15.43
CA MET A 297 -1.95 5.05 -15.27
C MET A 297 -0.91 4.05 -14.79
N ALA A 298 -1.36 3.03 -14.05
CA ALA A 298 -0.48 1.98 -13.58
C ALA A 298 -0.03 1.12 -14.76
N PHE A 299 -0.91 0.96 -15.74
CA PHE A 299 -0.59 0.24 -16.97
C PHE A 299 0.44 1.02 -17.77
N ILE A 300 0.19 2.31 -17.96
CA ILE A 300 1.12 3.18 -18.70
C ILE A 300 2.49 3.15 -18.04
N GLU A 301 2.51 3.29 -16.72
CA GLU A 301 3.73 3.19 -15.93
C GLU A 301 4.45 1.88 -16.19
N GLN A 302 3.70 0.78 -16.12
CA GLN A 302 4.24 -0.56 -16.35
C GLN A 302 4.94 -0.67 -17.70
N ARG A 303 4.33 -0.09 -18.73
CA ARG A 303 4.85 -0.17 -20.09
C ARG A 303 5.91 0.90 -20.33
N ASN A 304 6.31 1.57 -19.26
CA ASN A 304 7.39 2.56 -19.32
C ASN A 304 7.06 3.73 -20.23
N TYR A 305 5.77 4.06 -20.30
CA TYR A 305 5.29 5.15 -21.14
C TYR A 305 4.93 6.35 -20.26
N ILE A 306 4.56 7.46 -20.89
CA ILE A 306 4.24 8.68 -20.15
C ILE A 306 3.04 9.36 -20.79
N HIS A 307 2.18 9.96 -19.97
CA HIS A 307 0.99 10.64 -20.51
C HIS A 307 1.26 12.11 -20.85
N ARG A 308 1.69 12.88 -19.86
CA ARG A 308 2.12 14.26 -20.06
C ARG A 308 0.98 15.29 -20.07
N ASP A 309 -0.27 14.83 -20.11
CA ASP A 309 -1.40 15.75 -19.99
C ASP A 309 -2.59 15.10 -19.28
N LEU A 310 -2.36 14.70 -18.04
CA LEU A 310 -3.38 14.03 -17.24
C LEU A 310 -4.30 15.05 -16.60
N ARG A 311 -5.60 14.90 -16.83
CA ARG A 311 -6.59 15.79 -16.24
C ARG A 311 -7.99 15.40 -16.70
N ALA A 312 -9.01 15.83 -15.96
CA ALA A 312 -10.39 15.41 -16.22
C ALA A 312 -10.80 15.57 -17.68
N ALA A 313 -10.32 16.62 -18.34
CA ALA A 313 -10.68 16.88 -19.72
C ALA A 313 -10.25 15.72 -20.62
N ASN A 314 -9.12 15.11 -20.30
CA ASN A 314 -8.60 14.00 -21.08
C ASN A 314 -8.93 12.63 -20.50
N ILE A 315 -10.03 12.56 -19.76
CA ILE A 315 -10.60 11.29 -19.35
C ILE A 315 -12.00 11.16 -19.93
N LEU A 316 -12.26 10.06 -20.63
CA LEU A 316 -13.57 9.82 -21.21
C LEU A 316 -14.41 8.90 -20.33
N VAL A 317 -15.72 9.11 -20.34
CA VAL A 317 -16.64 8.27 -19.59
C VAL A 317 -17.58 7.55 -20.54
N SER A 318 -17.72 6.24 -20.37
CA SER A 318 -18.58 5.43 -21.23
C SER A 318 -19.98 5.33 -20.65
N ALA A 319 -20.93 4.90 -21.48
CA ALA A 319 -22.33 4.81 -21.08
C ALA A 319 -22.53 4.16 -19.71
N SER A 320 -21.67 3.21 -19.37
CA SER A 320 -21.82 2.47 -18.11
C SER A 320 -20.89 2.98 -17.00
N LEU A 321 -20.34 4.17 -17.21
CA LEU A 321 -19.51 4.81 -16.21
C LEU A 321 -18.18 4.07 -15.99
N VAL A 322 -17.56 3.68 -17.10
CA VAL A 322 -16.19 3.20 -17.06
C VAL A 322 -15.31 4.32 -17.57
N CYS A 323 -14.31 4.69 -16.77
CA CYS A 323 -13.39 5.75 -17.15
C CYS A 323 -12.27 5.22 -18.03
N LYS A 324 -11.89 5.99 -19.05
CA LYS A 324 -10.79 5.62 -19.91
C LYS A 324 -9.96 6.85 -20.26
N ILE A 325 -8.64 6.70 -20.12
CA ILE A 325 -7.73 7.79 -20.45
C ILE A 325 -7.64 8.01 -21.95
N ALA A 326 -7.56 9.28 -22.35
CA ALA A 326 -7.47 9.63 -23.75
C ALA A 326 -6.30 10.58 -23.97
N ASP A 327 -5.79 10.61 -25.20
CA ASP A 327 -4.74 11.56 -25.56
C ASP A 327 -3.36 11.14 -25.07
N PHE A 328 -3.26 9.94 -24.53
CA PHE A 328 -1.97 9.44 -24.06
C PHE A 328 -0.93 9.50 -25.19
N GLY A 329 0.16 10.22 -24.95
CA GLY A 329 1.22 10.33 -25.93
C GLY A 329 1.05 11.52 -26.85
N LEU A 330 -0.19 11.83 -27.20
CA LEU A 330 -0.48 12.95 -28.09
C LEU A 330 0.31 14.18 -27.67
N ALA A 331 0.47 14.37 -26.37
CA ALA A 331 1.18 15.53 -25.82
C ALA A 331 2.59 15.66 -26.41
N ARG A 332 3.30 14.55 -26.48
CA ARG A 332 4.64 14.54 -27.05
C ARG A 332 4.63 15.08 -28.48
N VAL A 333 3.86 14.42 -29.35
CA VAL A 333 3.86 14.70 -30.78
C VAL A 333 3.36 16.09 -31.19
N ILE A 334 2.78 16.83 -30.25
CA ILE A 334 2.10 18.09 -30.59
C ILE A 334 3.04 19.22 -31.02
N GLU A 335 2.46 20.24 -31.64
CA GLU A 335 3.20 21.42 -32.10
C GLU A 335 4.48 21.06 -32.86
N PHE A 347 -2.03 24.91 -22.46
CA PHE A 347 -1.25 25.75 -21.55
C PHE A 347 -1.63 25.49 -20.08
N PRO A 348 -1.71 24.20 -19.70
CA PRO A 348 -2.28 23.78 -18.41
C PRO A 348 -1.25 23.63 -17.30
N ILE A 349 -0.66 24.74 -16.86
CA ILE A 349 0.31 24.68 -15.77
C ILE A 349 -0.30 24.20 -14.45
N LYS A 350 -1.61 24.35 -14.32
CA LYS A 350 -2.29 24.01 -13.06
C LYS A 350 -2.30 22.50 -12.79
N TRP A 351 -2.02 21.71 -13.82
CA TRP A 351 -1.95 20.26 -13.67
C TRP A 351 -0.51 19.76 -13.77
N THR A 352 0.43 20.68 -13.95
CA THR A 352 1.81 20.28 -14.26
C THR A 352 2.77 20.40 -13.08
N ALA A 353 3.61 19.38 -12.93
CA ALA A 353 4.62 19.36 -11.88
C ALA A 353 5.64 20.48 -12.10
N PRO A 354 6.05 21.13 -11.00
CA PRO A 354 7.06 22.19 -11.01
C PRO A 354 8.29 21.84 -11.85
N GLU A 355 8.77 20.60 -11.74
CA GLU A 355 9.95 20.17 -12.48
C GLU A 355 9.70 20.12 -14.00
N ALA A 356 8.45 19.86 -14.37
CA ALA A 356 8.08 19.83 -15.78
C ALA A 356 7.87 21.23 -16.34
N ILE A 357 7.45 22.14 -15.46
CA ILE A 357 7.27 23.54 -15.82
C ILE A 357 8.61 24.27 -15.93
N ASN A 358 9.50 24.02 -14.97
CA ASN A 358 10.76 24.75 -14.88
C ASN A 358 11.87 24.26 -15.81
N PHE A 359 11.88 22.97 -16.11
CA PHE A 359 12.93 22.41 -16.96
C PHE A 359 12.36 21.46 -18.00
N GLY A 360 11.04 21.43 -18.11
CA GLY A 360 10.39 20.51 -19.04
C GLY A 360 10.77 19.07 -18.76
N SER A 361 10.70 18.68 -17.49
CA SER A 361 11.05 17.32 -17.08
C SER A 361 9.80 16.45 -16.93
N PHE A 362 9.24 16.01 -18.04
CA PHE A 362 8.06 15.16 -18.02
C PHE A 362 8.44 13.70 -17.81
N THR A 363 7.89 13.11 -16.75
CA THR A 363 8.12 11.72 -16.42
C THR A 363 6.86 11.13 -15.82
N ILE A 364 6.88 9.84 -15.49
CA ILE A 364 5.73 9.21 -14.86
C ILE A 364 5.43 9.88 -13.53
N LYS A 365 6.48 10.34 -12.85
CA LYS A 365 6.34 11.02 -11.57
C LYS A 365 5.64 12.37 -11.70
N SER A 366 5.84 13.05 -12.82
CA SER A 366 5.14 14.31 -13.06
C SER A 366 3.69 14.05 -13.43
N ASP A 367 3.43 12.91 -14.05
CA ASP A 367 2.06 12.45 -14.26
C ASP A 367 1.39 12.28 -12.92
N VAL A 368 2.10 11.66 -11.98
CA VAL A 368 1.60 11.43 -10.64
C VAL A 368 1.20 12.74 -9.96
N TRP A 369 2.00 13.79 -10.15
CA TRP A 369 1.62 15.11 -9.69
C TRP A 369 0.27 15.45 -10.31
N SER A 370 0.18 15.24 -11.61
CA SER A 370 -1.06 15.47 -12.35
C SER A 370 -2.22 14.68 -11.75
N PHE A 371 -1.97 13.41 -11.42
CA PHE A 371 -3.03 12.59 -10.86
C PHE A 371 -3.57 13.22 -9.58
N GLY A 372 -2.67 13.82 -8.80
CA GLY A 372 -3.06 14.50 -7.59
C GLY A 372 -4.05 15.63 -7.86
N ILE A 373 -3.78 16.43 -8.89
CA ILE A 373 -4.65 17.54 -9.26
C ILE A 373 -5.97 17.02 -9.80
N LEU A 374 -5.88 16.11 -10.77
CA LEU A 374 -7.04 15.46 -11.35
C LEU A 374 -7.94 14.87 -10.27
N LEU A 375 -7.31 14.36 -9.23
CA LEU A 375 -7.99 13.75 -8.11
C LEU A 375 -8.82 14.78 -7.34
N MET A 376 -8.25 15.97 -7.16
CA MET A 376 -8.95 17.07 -6.53
C MET A 376 -10.08 17.54 -7.45
N GLU A 377 -9.79 17.59 -8.75
CA GLU A 377 -10.78 17.90 -9.76
C GLU A 377 -12.04 17.03 -9.59
N ILE A 378 -11.81 15.73 -9.40
CA ILE A 378 -12.89 14.77 -9.26
C ILE A 378 -13.71 15.00 -8.01
N VAL A 379 -13.02 15.07 -6.88
CA VAL A 379 -13.67 15.21 -5.58
C VAL A 379 -14.43 16.53 -5.47
N THR A 380 -14.04 17.52 -6.27
CA THR A 380 -14.73 18.80 -6.33
C THR A 380 -15.60 18.93 -7.58
N TYR A 381 -16.15 17.80 -8.01
CA TYR A 381 -17.03 17.75 -9.18
C TYR A 381 -16.59 18.62 -10.35
N GLY A 382 -15.29 18.65 -10.60
CA GLY A 382 -14.77 19.28 -11.80
C GLY A 382 -14.46 20.75 -11.67
N ARG A 383 -14.55 21.28 -10.46
CA ARG A 383 -14.17 22.67 -10.22
C ARG A 383 -12.72 22.89 -10.66
N ILE A 384 -12.44 24.06 -11.20
CA ILE A 384 -11.10 24.38 -11.68
C ILE A 384 -10.10 24.36 -10.53
N PRO A 385 -8.87 23.88 -10.79
CA PRO A 385 -7.82 23.84 -9.77
C PRO A 385 -7.37 25.25 -9.39
N TYR A 386 -6.98 25.45 -8.13
CA TYR A 386 -6.54 26.76 -7.66
C TYR A 386 -7.51 27.85 -8.06
N PRO A 387 -8.77 27.76 -7.61
CA PRO A 387 -9.82 28.70 -7.99
C PRO A 387 -9.45 30.15 -7.67
N GLY A 388 -9.62 31.04 -8.64
CA GLY A 388 -9.36 32.46 -8.45
C GLY A 388 -7.90 32.85 -8.56
N MET A 389 -7.04 31.87 -8.81
CA MET A 389 -5.61 32.12 -8.97
C MET A 389 -5.19 32.08 -10.43
N SER A 390 -4.30 32.99 -10.82
CA SER A 390 -3.75 32.98 -12.17
C SER A 390 -2.65 31.92 -12.25
N ASN A 391 -2.19 31.65 -13.47
CA ASN A 391 -1.08 30.71 -13.65
C ASN A 391 0.17 31.18 -12.92
N PRO A 392 0.57 32.44 -13.15
CA PRO A 392 1.74 33.02 -12.48
C PRO A 392 1.59 33.00 -10.96
N GLU A 393 0.43 33.42 -10.49
CA GLU A 393 0.10 33.38 -9.06
C GLU A 393 0.41 32.01 -8.47
N VAL A 394 -0.02 30.97 -9.17
CA VAL A 394 0.15 29.60 -8.70
C VAL A 394 1.60 29.14 -8.74
N ILE A 395 2.32 29.49 -9.80
CA ILE A 395 3.71 29.08 -9.96
C ILE A 395 4.57 29.56 -8.80
N ARG A 396 4.36 30.80 -8.37
CA ARG A 396 5.06 31.33 -7.21
C ARG A 396 4.52 30.72 -5.92
N ALA A 397 3.20 30.51 -5.89
CA ALA A 397 2.56 29.89 -4.73
C ALA A 397 3.16 28.52 -4.42
N LEU A 398 3.44 27.74 -5.46
CA LEU A 398 4.04 26.42 -5.30
C LEU A 398 5.47 26.53 -4.75
N GLU A 399 6.17 27.58 -5.16
CA GLU A 399 7.55 27.78 -4.73
C GLU A 399 7.63 28.10 -3.24
N ARG A 400 6.54 28.65 -2.70
CA ARG A 400 6.45 28.96 -1.28
C ARG A 400 6.00 27.75 -0.46
N GLY A 401 5.69 26.66 -1.15
CA GLY A 401 5.26 25.44 -0.48
C GLY A 401 3.74 25.36 -0.33
N TYR A 402 3.02 26.10 -1.16
CA TYR A 402 1.57 26.11 -1.10
C TYR A 402 0.94 24.90 -1.81
N ARG A 403 -0.12 24.38 -1.20
CA ARG A 403 -0.91 23.31 -1.79
C ARG A 403 -2.37 23.65 -1.59
N MET A 404 -3.22 23.06 -2.42
CA MET A 404 -4.66 23.24 -2.25
C MET A 404 -5.11 22.60 -0.94
N PRO A 405 -5.98 23.30 -0.21
CA PRO A 405 -6.55 22.76 1.04
C PRO A 405 -7.55 21.64 0.78
N ARG A 406 -7.82 20.84 1.79
CA ARG A 406 -8.82 19.78 1.67
C ARG A 406 -10.21 20.40 1.56
N PRO A 407 -10.97 20.01 0.52
CA PRO A 407 -12.37 20.40 0.39
C PRO A 407 -13.18 19.69 1.47
N GLU A 408 -14.42 20.11 1.70
CA GLU A 408 -15.20 19.53 2.80
C GLU A 408 -15.61 18.08 2.53
N ASN A 409 -16.09 17.81 1.32
CA ASN A 409 -16.51 16.47 0.94
C ASN A 409 -15.38 15.44 0.96
N CYS A 410 -14.15 15.91 1.11
CA CYS A 410 -12.95 15.08 0.93
C CYS A 410 -12.47 14.43 2.23
N PRO A 411 -12.44 13.08 2.27
CA PRO A 411 -11.89 12.32 3.39
C PRO A 411 -10.42 12.65 3.65
N GLU A 412 -10.05 12.71 4.92
CA GLU A 412 -8.68 13.01 5.32
C GLU A 412 -7.66 12.13 4.60
N GLU A 413 -7.93 10.83 4.57
CA GLU A 413 -7.01 9.86 4.00
C GLU A 413 -6.87 9.98 2.49
N LEU A 414 -7.90 10.52 1.83
CA LEU A 414 -7.84 10.75 0.40
C LEU A 414 -6.96 11.97 0.12
N TYR A 415 -7.10 13.00 0.95
CA TYR A 415 -6.29 14.21 0.84
C TYR A 415 -4.82 13.91 1.03
N ASN A 416 -4.50 13.04 1.99
CA ASN A 416 -3.11 12.65 2.23
C ASN A 416 -2.45 12.07 0.98
N ILE A 417 -3.26 11.49 0.11
CA ILE A 417 -2.77 10.94 -1.15
C ILE A 417 -2.44 12.05 -2.13
N MET A 418 -3.34 13.00 -2.29
CA MET A 418 -3.09 14.16 -3.14
C MET A 418 -1.77 14.79 -2.73
N MET A 419 -1.60 14.99 -1.42
CA MET A 419 -0.41 15.58 -0.86
C MET A 419 0.84 14.79 -1.20
N ARG A 420 0.72 13.46 -1.18
CA ARG A 420 1.83 12.59 -1.53
C ARG A 420 2.19 12.72 -3.01
N CYS A 421 1.19 13.02 -3.83
CA CYS A 421 1.41 13.21 -5.27
C CYS A 421 2.09 14.55 -5.51
N TRP A 422 1.95 15.46 -4.56
CA TRP A 422 2.46 16.82 -4.71
C TRP A 422 3.73 17.06 -3.91
N LYS A 423 4.52 16.01 -3.71
CA LYS A 423 5.81 16.16 -3.05
C LYS A 423 6.76 16.91 -3.98
N ASN A 424 7.47 17.90 -3.44
CA ASN A 424 8.38 18.72 -4.24
C ASN A 424 9.38 17.86 -5.01
N ARG A 425 9.87 16.81 -4.36
CA ARG A 425 10.78 15.88 -5.00
C ARG A 425 9.98 14.80 -5.71
N PRO A 426 10.21 14.64 -7.02
CA PRO A 426 9.52 13.63 -7.83
C PRO A 426 9.76 12.25 -7.23
N GLU A 427 11.03 11.99 -6.98
CA GLU A 427 11.47 10.73 -6.38
C GLU A 427 10.65 10.31 -5.17
N GLU A 428 10.06 11.29 -4.48
CA GLU A 428 9.36 11.02 -3.22
C GLU A 428 7.88 10.67 -3.44
N ARG A 429 7.37 10.92 -4.64
CA ARG A 429 5.97 10.65 -4.94
C ARG A 429 5.74 9.18 -5.27
N PRO A 430 4.63 8.62 -4.77
CA PRO A 430 4.28 7.20 -4.94
C PRO A 430 4.12 6.78 -6.39
N THR A 431 4.08 5.47 -6.64
CA THR A 431 3.87 4.93 -7.97
C THR A 431 2.37 4.78 -8.23
N PHE A 432 1.99 4.66 -9.49
CA PHE A 432 0.58 4.43 -9.80
C PHE A 432 0.18 3.05 -9.32
N GLU A 433 1.12 2.11 -9.36
CA GLU A 433 0.86 0.78 -8.82
C GLU A 433 0.37 0.89 -7.38
N TYR A 434 1.08 1.68 -6.58
CA TYR A 434 0.69 1.86 -5.17
C TYR A 434 -0.61 2.65 -5.03
N ILE A 435 -0.75 3.72 -5.82
CA ILE A 435 -1.96 4.53 -5.78
C ILE A 435 -3.17 3.72 -6.19
N GLN A 436 -3.00 2.94 -7.26
CA GLN A 436 -4.07 2.04 -7.70
C GLN A 436 -4.42 1.10 -6.57
N SER A 437 -3.39 0.52 -5.97
CA SER A 437 -3.57 -0.49 -4.94
C SER A 437 -4.33 0.07 -3.73
N VAL A 438 -4.09 1.34 -3.42
CA VAL A 438 -4.74 1.99 -2.28
C VAL A 438 -6.18 2.39 -2.57
N LEU A 439 -6.41 3.00 -3.73
CA LEU A 439 -7.74 3.46 -4.11
C LEU A 439 -8.73 2.31 -4.29
N ASP A 440 -8.25 1.23 -4.90
CA ASP A 440 -9.09 0.05 -5.15
C ASP A 440 -9.74 -0.46 -3.87
N ASP A 441 -8.94 -0.60 -2.82
CA ASP A 441 -9.41 -1.14 -1.54
C ASP A 441 -9.55 -0.05 -0.47
N PHE A 442 -9.95 1.14 -0.89
CA PHE A 442 -10.05 2.29 0.01
C PHE A 442 -10.95 2.01 1.21
N TYR A 443 -12.01 1.24 1.01
CA TYR A 443 -12.98 0.99 2.07
C TYR A 443 -12.84 -0.41 2.64
N THR A 444 -11.87 -1.17 2.16
CA THR A 444 -11.70 -2.55 2.60
C THR A 444 -10.37 -2.77 3.29
N ALA A 445 -10.41 -3.16 4.56
CA ALA A 445 -9.20 -3.54 5.27
C ALA A 445 -8.56 -4.74 4.58
N THR A 446 -7.25 -4.68 4.41
CA THR A 446 -6.52 -5.75 3.71
C THR A 446 -6.94 -7.14 4.17
N GLU A 447 -7.15 -7.30 5.46
CA GLU A 447 -7.50 -8.60 6.01
C GLU A 447 -8.90 -9.03 5.57
N SER A 448 -9.67 -8.09 5.03
CA SER A 448 -11.06 -8.35 4.68
C SER A 448 -11.31 -8.54 3.17
N GLN A 449 -10.24 -8.58 2.39
CA GLN A 449 -10.35 -8.80 0.96
C GLN A 449 -11.04 -10.12 0.68
N GLU A 451 -12.57 -13.93 2.25
CA GLU A 451 -13.28 -14.40 3.44
C GLU A 451 -12.61 -15.64 4.00
N GLU A 452 -12.61 -15.74 5.33
CA GLU A 452 -12.22 -16.99 5.98
C GLU A 452 -13.47 -17.72 6.44
N ILE A 453 -13.62 -18.96 5.98
CA ILE A 453 -14.84 -19.72 6.20
C ILE A 453 -14.81 -20.54 7.49
N PRO A 454 -15.98 -20.71 8.13
CA PRO A 454 -16.18 -21.52 9.34
C PRO A 454 -15.71 -22.97 9.17
N ARG B 8 19.21 32.20 28.80
CA ARG B 8 19.09 31.44 30.04
C ARG B 8 17.94 30.44 29.97
N ILE B 9 18.27 29.16 29.79
CA ILE B 9 17.26 28.13 29.55
C ILE B 9 16.94 27.28 30.77
N ILE B 10 15.68 27.28 31.18
CA ILE B 10 15.24 26.46 32.30
C ILE B 10 14.47 25.23 31.82
N VAL B 11 14.81 24.06 32.37
CA VAL B 11 14.12 22.83 32.04
C VAL B 11 13.53 22.20 33.29
N VAL B 12 12.68 21.19 33.10
CA VAL B 12 12.03 20.52 34.21
C VAL B 12 12.07 19.00 34.02
N ALA B 13 12.18 18.27 35.12
CA ALA B 13 12.29 16.82 35.06
C ALA B 13 10.94 16.16 34.80
N LEU B 14 10.88 15.38 33.73
CA LEU B 14 9.65 14.69 33.35
C LEU B 14 9.48 13.40 34.16
N TYR B 15 10.59 12.83 34.62
CA TYR B 15 10.55 11.67 35.50
C TYR B 15 11.68 11.67 36.53
N ASP B 16 11.53 10.86 37.57
CA ASP B 16 12.57 10.65 38.58
C ASP B 16 13.84 10.11 37.95
N TYR B 17 14.99 10.54 38.47
CA TYR B 17 16.29 9.99 38.03
C TYR B 17 17.28 9.89 39.17
N GLU B 18 18.06 8.81 39.17
CA GLU B 18 19.04 8.56 40.22
C GLU B 18 20.45 8.39 39.64
N ALA B 19 21.37 9.23 40.09
CA ALA B 19 22.74 9.23 39.57
C ALA B 19 23.47 7.91 39.81
N ILE B 20 24.32 7.53 38.87
CA ILE B 20 25.03 6.26 38.96
C ILE B 20 26.46 6.36 38.43
N HIS B 21 26.77 7.49 37.80
CA HIS B 21 28.13 7.75 37.36
C HIS B 21 28.79 8.70 38.35
N HIS B 22 29.94 9.25 37.98
CA HIS B 22 30.67 10.14 38.89
C HIS B 22 30.04 11.53 38.95
N GLU B 23 29.81 12.11 37.79
CA GLU B 23 29.49 13.54 37.71
C GLU B 23 28.02 13.85 37.38
N ASP B 24 27.17 12.84 37.29
CA ASP B 24 25.78 13.10 36.96
C ASP B 24 24.97 13.40 38.22
N LEU B 25 23.88 14.16 38.05
CA LEU B 25 23.04 14.57 39.16
C LEU B 25 21.84 13.65 39.31
N SER B 26 21.28 13.62 40.52
CA SER B 26 20.03 12.93 40.76
C SER B 26 18.93 13.99 40.80
N PHE B 27 17.69 13.58 40.61
CA PHE B 27 16.58 14.53 40.67
C PHE B 27 15.20 13.87 40.61
N GLN B 28 14.24 14.49 41.28
CA GLN B 28 12.86 14.03 41.29
C GLN B 28 12.10 14.61 40.11
N LYS B 29 11.01 13.93 39.73
CA LYS B 29 10.09 14.46 38.74
C LYS B 29 9.57 15.81 39.22
N GLY B 30 9.65 16.82 38.35
CA GLY B 30 9.19 18.15 38.70
C GLY B 30 10.26 18.97 39.42
N ASP B 31 11.51 18.75 39.03
CA ASP B 31 12.62 19.56 39.51
C ASP B 31 13.10 20.44 38.37
N GLN B 32 13.46 21.68 38.67
CA GLN B 32 13.91 22.59 37.63
C GLN B 32 15.41 22.78 37.63
N MET B 33 16.02 22.59 36.46
CA MET B 33 17.44 22.79 36.31
C MET B 33 17.74 23.99 35.42
N VAL B 34 18.99 24.45 35.48
CA VAL B 34 19.48 25.45 34.55
C VAL B 34 20.38 24.73 33.58
N VAL B 35 20.21 25.00 32.30
CA VAL B 35 21.06 24.36 31.30
C VAL B 35 22.37 25.13 31.12
N LEU B 36 23.47 24.40 31.13
CA LEU B 36 24.78 25.01 31.00
C LEU B 36 25.45 24.54 29.71
N GLU B 37 25.03 23.38 29.22
CA GLU B 37 25.65 22.80 28.04
C GLU B 37 24.76 21.75 27.38
N GLU B 38 24.55 21.89 26.08
CA GLU B 38 23.81 20.90 25.31
C GLU B 38 24.77 20.08 24.46
N SER B 39 25.10 18.88 24.94
CA SER B 39 26.10 18.04 24.30
C SER B 39 25.59 16.62 24.03
N GLY B 40 24.41 16.52 23.45
CA GLY B 40 23.86 15.24 23.03
C GLY B 40 22.90 14.59 24.02
N GLU B 41 23.10 13.31 24.26
CA GLU B 41 22.27 12.55 25.17
C GLU B 41 22.44 13.06 26.60
N TRP B 42 23.59 13.64 26.89
CA TRP B 42 23.87 14.21 28.20
C TRP B 42 23.99 15.73 28.14
N TRP B 43 23.41 16.38 29.14
CA TRP B 43 23.45 17.84 29.25
C TRP B 43 24.04 18.26 30.59
N LYS B 44 24.83 19.33 30.58
CA LYS B 44 25.37 19.90 31.81
C LYS B 44 24.35 20.87 32.37
N ALA B 45 24.03 20.73 33.65
CA ALA B 45 22.98 21.56 34.24
C ALA B 45 23.19 21.83 35.73
N ARG B 46 22.59 22.91 36.21
CA ARG B 46 22.59 23.20 37.63
C ARG B 46 21.20 22.98 38.20
N SER B 47 21.09 22.07 39.16
CA SER B 47 19.83 21.87 39.86
C SER B 47 19.46 23.15 40.61
N LEU B 48 18.19 23.55 40.52
CA LEU B 48 17.71 24.68 41.27
C LEU B 48 17.33 24.25 42.67
N ALA B 49 17.19 22.94 42.85
CA ALA B 49 16.80 22.37 44.14
C ALA B 49 17.99 22.14 45.05
N THR B 50 19.12 21.72 44.48
CA THR B 50 20.30 21.40 45.26
C THR B 50 21.50 22.28 44.93
N ARG B 51 21.39 23.07 43.86
CA ARG B 51 22.45 23.97 43.45
C ARG B 51 23.67 23.20 42.91
N LYS B 52 23.50 21.90 42.73
CA LYS B 52 24.58 21.07 42.19
C LYS B 52 24.67 21.22 40.67
N GLU B 53 25.90 21.38 40.18
CA GLU B 53 26.14 21.33 38.75
C GLU B 53 26.50 19.90 38.38
N GLY B 54 26.04 19.45 37.22
CA GLY B 54 26.29 18.08 36.81
C GLY B 54 25.68 17.68 35.49
N TYR B 55 25.59 16.37 35.28
CA TYR B 55 25.08 15.82 34.03
C TYR B 55 23.73 15.16 34.23
N ILE B 56 22.81 15.47 33.31
CA ILE B 56 21.51 14.82 33.30
C ILE B 56 21.26 14.20 31.92
N PRO B 57 20.46 13.12 31.88
CA PRO B 57 20.02 12.57 30.59
C PRO B 57 19.06 13.54 29.91
N SER B 58 19.47 14.08 28.77
CA SER B 58 18.70 15.12 28.09
C SER B 58 17.27 14.72 27.75
N ASN B 59 16.98 13.43 27.71
CA ASN B 59 15.63 12.97 27.39
C ASN B 59 14.74 12.77 28.63
N TYR B 60 15.19 13.29 29.77
CA TYR B 60 14.38 13.29 30.99
C TYR B 60 13.82 14.69 31.26
N VAL B 61 14.21 15.64 30.43
CA VAL B 61 13.81 17.03 30.63
C VAL B 61 13.25 17.66 29.37
N ALA B 62 12.77 18.89 29.53
CA ALA B 62 12.13 19.63 28.46
C ALA B 62 11.85 21.05 28.96
N ARG B 63 11.82 22.02 28.05
CA ARG B 63 11.54 23.40 28.42
C ARG B 63 10.29 23.49 29.29
N VAL B 64 10.29 24.45 30.22
CA VAL B 64 9.14 24.64 31.08
C VAL B 64 7.92 25.03 30.27
N ASP B 65 6.75 24.59 30.72
CA ASP B 65 5.49 24.89 30.05
C ASP B 65 5.55 24.74 28.53
N SER B 66 6.46 23.88 28.06
CA SER B 66 6.41 23.42 26.68
C SER B 66 5.44 22.24 26.68
N LEU B 67 5.08 21.75 25.50
CA LEU B 67 4.06 20.70 25.41
C LEU B 67 4.45 19.41 26.11
N GLU B 68 5.74 19.06 26.07
CA GLU B 68 6.21 17.79 26.62
C GLU B 68 5.93 17.65 28.12
N THR B 69 5.80 18.76 28.82
CA THR B 69 5.60 18.74 30.27
C THR B 69 4.19 18.24 30.64
N GLU B 70 3.29 18.25 29.67
CA GLU B 70 1.93 17.79 29.92
C GLU B 70 1.87 16.26 29.89
N GLU B 71 1.11 15.68 30.80
CA GLU B 71 1.03 14.23 30.93
C GLU B 71 0.35 13.56 29.73
N TRP B 72 -0.58 14.27 29.09
CA TRP B 72 -1.31 13.70 27.95
C TRP B 72 -0.52 13.75 26.64
N PHE B 73 0.49 14.61 26.58
CA PHE B 73 1.22 14.82 25.33
C PHE B 73 2.36 13.83 25.10
N PHE B 74 2.58 13.47 23.84
CA PHE B 74 3.60 12.49 23.47
C PHE B 74 4.33 12.89 22.19
N LYS B 75 5.56 13.37 22.34
CA LYS B 75 6.37 13.79 21.20
C LYS B 75 6.90 12.58 20.43
N GLY B 76 7.02 12.73 19.11
CA GLY B 76 7.62 11.72 18.26
C GLY B 76 6.88 10.40 18.20
N ILE B 77 5.56 10.45 18.40
CA ILE B 77 4.74 9.25 18.30
C ILE B 77 4.10 9.11 16.92
N SER B 78 4.28 7.93 16.31
CA SER B 78 3.56 7.61 15.10
C SER B 78 2.18 7.12 15.49
N ARG B 79 1.26 7.11 14.54
CA ARG B 79 -0.10 6.64 14.79
C ARG B 79 -0.11 5.18 15.27
N LYS B 80 0.77 4.37 14.69
CA LYS B 80 0.85 2.96 15.07
C LYS B 80 1.38 2.83 16.50
N ASP B 81 2.39 3.63 16.83
CA ASP B 81 2.92 3.67 18.19
C ASP B 81 1.81 3.95 19.19
N ALA B 82 1.10 5.06 18.97
CA ALA B 82 0.02 5.49 19.85
C ALA B 82 -1.01 4.39 20.04
N GLU B 83 -1.23 3.60 18.99
CA GLU B 83 -2.14 2.48 19.04
C GLU B 83 -1.57 1.37 19.92
N ARG B 84 -0.32 0.99 19.68
CA ARG B 84 0.35 -0.04 20.47
C ARG B 84 0.43 0.35 21.95
N GLN B 85 0.79 1.60 22.21
CA GLN B 85 0.98 2.08 23.57
C GLN B 85 -0.34 2.16 24.33
N LEU B 86 -1.40 2.55 23.62
CA LEU B 86 -2.72 2.74 24.23
C LEU B 86 -3.42 1.43 24.56
N LEU B 87 -3.09 0.38 23.83
CA LEU B 87 -3.65 -0.94 24.11
C LEU B 87 -2.76 -1.69 25.08
N ALA B 88 -1.56 -1.15 25.31
CA ALA B 88 -0.67 -1.69 26.31
C ALA B 88 -1.41 -1.78 27.65
N PRO B 89 -1.00 -2.72 28.50
CA PRO B 89 -1.65 -2.98 29.79
C PRO B 89 -1.67 -1.77 30.72
N GLY B 90 -2.70 -1.67 31.55
CA GLY B 90 -2.80 -0.61 32.53
C GLY B 90 -3.62 0.58 32.06
N ASN B 91 -4.15 0.49 30.85
CA ASN B 91 -5.00 1.55 30.32
C ASN B 91 -6.46 1.14 30.27
N MET B 92 -7.35 2.13 30.24
CA MET B 92 -8.78 1.89 30.29
C MET B 92 -9.51 2.56 29.15
N LEU B 93 -10.80 2.29 29.05
CA LEU B 93 -11.65 2.98 28.09
C LEU B 93 -11.47 4.48 28.29
N GLY B 94 -11.24 5.20 27.19
CA GLY B 94 -11.10 6.63 27.25
C GLY B 94 -9.68 7.14 27.43
N SER B 95 -8.74 6.22 27.64
CA SER B 95 -7.33 6.59 27.70
C SER B 95 -6.96 7.29 26.40
N PHE B 96 -6.14 8.33 26.50
CA PHE B 96 -5.90 9.18 25.36
C PHE B 96 -4.52 9.82 25.39
N MET B 97 -4.08 10.26 24.22
CA MET B 97 -2.90 11.10 24.12
C MET B 97 -3.08 12.11 23.00
N ILE B 98 -2.41 13.25 23.13
CA ILE B 98 -2.28 14.17 22.01
C ILE B 98 -0.85 14.03 21.52
N ARG B 99 -0.65 14.09 20.21
CA ARG B 99 0.66 13.77 19.64
C ARG B 99 0.95 14.50 18.33
N ASP B 100 2.19 14.38 17.87
CA ASP B 100 2.61 14.92 16.60
C ASP B 100 1.94 14.19 15.45
N SER B 101 1.14 14.91 14.67
CA SER B 101 0.54 14.34 13.47
C SER B 101 1.65 13.78 12.58
N GLU B 102 1.49 12.54 12.14
CA GLU B 102 2.54 11.87 11.37
C GLU B 102 2.55 12.33 9.92
N THR B 103 1.39 12.73 9.41
CA THR B 103 1.31 13.25 8.05
C THR B 103 1.46 14.76 8.06
N THR B 104 0.42 15.44 8.51
CA THR B 104 0.43 16.90 8.58
C THR B 104 1.47 17.39 9.59
N LYS B 105 2.72 17.46 9.14
CA LYS B 105 3.83 17.89 10.00
C LYS B 105 3.62 19.32 10.48
N GLY B 106 3.64 19.50 11.79
CA GLY B 106 3.44 20.81 12.38
C GLY B 106 2.11 20.94 13.10
N SER B 107 1.24 19.96 12.88
CA SER B 107 -0.07 19.94 13.54
C SER B 107 -0.20 18.73 14.47
N TYR B 108 -1.24 18.73 15.30
CA TYR B 108 -1.38 17.71 16.33
C TYR B 108 -2.51 16.71 16.08
N SER B 109 -2.51 15.63 16.86
CA SER B 109 -3.52 14.58 16.71
C SER B 109 -3.97 14.01 18.05
N LEU B 110 -5.18 13.47 18.06
CA LEU B 110 -5.76 12.90 19.27
C LEU B 110 -6.05 11.40 19.08
N SER B 111 -5.53 10.59 19.99
CA SER B 111 -5.77 9.15 19.96
C SER B 111 -6.50 8.70 21.22
N VAL B 112 -7.61 8.00 21.04
CA VAL B 112 -8.46 7.60 22.16
C VAL B 112 -8.72 6.09 22.17
N ARG B 113 -8.71 5.52 23.38
CA ARG B 113 -9.03 4.11 23.56
C ARG B 113 -10.55 3.94 23.52
N ASP B 114 -11.04 3.17 22.56
CA ASP B 114 -12.47 2.95 22.38
C ASP B 114 -12.79 1.47 22.58
N TYR B 115 -14.07 1.14 22.68
CA TYR B 115 -14.46 -0.26 22.72
C TYR B 115 -15.57 -0.62 21.74
N ASP B 116 -15.45 -1.82 21.19
CA ASP B 116 -16.40 -2.34 20.22
C ASP B 116 -16.83 -3.74 20.65
N PRO B 117 -18.13 -4.01 20.67
CA PRO B 117 -18.51 -5.41 20.82
C PRO B 117 -18.22 -6.18 19.52
N ARG B 118 -18.15 -5.45 18.42
CA ARG B 118 -17.89 -6.04 17.11
C ARG B 118 -16.40 -6.28 16.87
N GLN B 119 -15.55 -5.45 17.46
CA GLN B 119 -14.11 -5.53 17.18
C GLN B 119 -13.21 -5.35 18.40
N GLY B 120 -13.73 -5.64 19.59
CA GLY B 120 -12.94 -5.57 20.81
C GLY B 120 -12.43 -4.17 21.14
N ASP B 121 -11.42 -4.09 22.00
CA ASP B 121 -10.81 -2.81 22.33
C ASP B 121 -10.17 -2.19 21.10
N THR B 122 -10.30 -0.87 20.96
CA THR B 122 -9.77 -0.18 19.78
C THR B 122 -9.12 1.17 20.09
N VAL B 123 -8.53 1.76 19.06
CA VAL B 123 -8.01 3.12 19.16
C VAL B 123 -8.41 3.91 17.91
N LYS B 124 -9.17 4.99 18.12
CA LYS B 124 -9.53 5.88 17.02
C LYS B 124 -8.57 7.07 17.02
N HIS B 125 -8.41 7.68 15.86
CA HIS B 125 -7.50 8.82 15.73
C HIS B 125 -8.21 10.04 15.18
N TYR B 126 -7.96 11.20 15.77
CA TYR B 126 -8.58 12.44 15.34
C TYR B 126 -7.55 13.50 15.00
N LYS B 127 -7.68 14.08 13.82
CA LYS B 127 -6.87 15.22 13.42
C LYS B 127 -7.33 16.43 14.19
N ILE B 128 -6.38 17.18 14.73
CA ILE B 128 -6.68 18.47 15.31
C ILE B 128 -6.23 19.52 14.31
N ARG B 129 -7.09 20.51 14.07
CA ARG B 129 -6.77 21.56 13.12
C ARG B 129 -6.34 22.79 13.88
N THR B 130 -5.28 23.44 13.40
CA THR B 130 -4.82 24.70 13.98
C THR B 130 -5.24 25.84 13.07
N LEU B 131 -6.16 26.68 13.55
CA LEU B 131 -6.74 27.71 12.71
C LEU B 131 -5.93 29.02 12.71
N ASP B 132 -4.70 28.94 13.22
CA ASP B 132 -3.82 30.11 13.31
C ASP B 132 -4.55 31.42 13.61
N ASN B 133 -5.18 31.48 14.78
CA ASN B 133 -5.88 32.67 15.23
C ASN B 133 -5.54 33.04 16.67
N GLY B 134 -5.72 32.10 17.60
CA GLY B 134 -6.14 30.76 17.27
C GLY B 134 -4.97 29.80 17.28
N GLY B 135 -5.18 28.58 17.76
CA GLY B 135 -6.49 28.10 18.15
C GLY B 135 -6.62 26.68 17.63
N PHE B 136 -7.41 25.85 18.30
CA PHE B 136 -7.54 24.46 17.89
C PHE B 136 -8.99 23.97 17.87
N TYR B 137 -9.24 22.98 17.03
CA TYR B 137 -10.54 22.33 16.97
C TYR B 137 -10.45 20.97 16.30
N ILE B 138 -11.31 20.05 16.71
CA ILE B 138 -11.53 18.81 16.01
C ILE B 138 -12.81 18.99 15.21
N SER B 139 -13.83 19.52 15.89
CA SER B 139 -15.10 19.87 15.27
C SER B 139 -15.18 21.37 15.05
N PRO B 140 -15.25 21.78 13.77
CA PRO B 140 -15.32 23.19 13.37
C PRO B 140 -16.34 24.00 14.16
N ARG B 141 -17.27 23.33 14.82
CA ARG B 141 -18.26 24.00 15.64
C ARG B 141 -17.70 24.41 17.00
N SER B 142 -16.93 23.51 17.61
CA SER B 142 -16.38 23.76 18.93
C SER B 142 -14.87 24.01 18.88
N THR B 143 -14.48 25.27 19.03
CA THR B 143 -13.08 25.67 18.87
C THR B 143 -12.42 25.99 20.22
N PHE B 144 -11.09 25.93 20.25
CA PHE B 144 -10.37 26.09 21.53
C PHE B 144 -9.12 26.97 21.46
N SER B 145 -8.86 27.65 22.57
CA SER B 145 -7.72 28.57 22.67
C SER B 145 -6.39 27.84 22.85
N THR B 146 -6.42 26.76 23.64
CA THR B 146 -5.23 25.95 23.87
C THR B 146 -5.59 24.47 23.91
N LEU B 147 -4.57 23.62 23.78
CA LEU B 147 -4.77 22.18 23.79
C LEU B 147 -5.32 21.69 25.13
N GLN B 148 -4.88 22.33 26.21
CA GLN B 148 -5.42 22.00 27.52
C GLN B 148 -6.93 22.17 27.53
N GLU B 149 -7.39 23.30 26.98
CA GLU B 149 -8.83 23.56 26.90
C GLU B 149 -9.53 22.44 26.13
N LEU B 150 -8.99 22.11 24.96
CA LEU B 150 -9.54 21.03 24.16
C LEU B 150 -9.65 19.76 24.99
N VAL B 151 -8.56 19.38 25.64
CA VAL B 151 -8.56 18.21 26.50
C VAL B 151 -9.63 18.30 27.59
N ASP B 152 -9.68 19.44 28.26
CA ASP B 152 -10.66 19.65 29.32
C ASP B 152 -12.09 19.50 28.82
N HIS B 153 -12.37 20.06 27.65
CA HIS B 153 -13.69 19.97 27.04
C HIS B 153 -14.15 18.51 26.93
N TYR B 154 -13.40 17.72 26.17
CA TYR B 154 -13.80 16.35 25.86
C TYR B 154 -13.68 15.41 27.05
N LYS B 155 -13.08 15.88 28.13
CA LYS B 155 -13.08 15.14 29.38
C LYS B 155 -14.51 15.17 29.95
N LYS B 156 -15.18 16.30 29.73
CA LYS B 156 -16.59 16.42 30.04
C LYS B 156 -17.40 15.96 28.84
N GLY B 157 -17.80 14.69 28.86
CA GLY B 157 -18.59 14.13 27.77
C GLY B 157 -17.91 14.22 26.42
N ASN B 158 -18.23 13.28 25.55
CA ASN B 158 -17.78 13.34 24.16
C ASN B 158 -18.68 14.29 23.38
N ASP B 159 -18.07 15.23 22.67
CA ASP B 159 -18.84 16.14 21.83
C ASP B 159 -18.69 15.69 20.38
N GLY B 160 -18.94 14.42 20.13
CA GLY B 160 -18.77 13.85 18.81
C GLY B 160 -17.75 12.73 18.78
N LEU B 161 -16.96 12.63 19.85
CA LEU B 161 -15.93 11.60 19.93
C LEU B 161 -16.52 10.21 20.16
N CYS B 162 -15.79 9.19 19.72
CA CYS B 162 -16.20 7.81 19.92
C CYS B 162 -16.38 7.53 21.41
N GLN B 163 -15.63 8.26 22.23
CA GLN B 163 -15.61 8.02 23.67
C GLN B 163 -15.21 9.28 24.43
N LYS B 164 -15.74 9.44 25.64
CA LYS B 164 -15.32 10.54 26.50
C LYS B 164 -13.89 10.31 26.97
N LEU B 165 -13.11 11.37 27.05
CA LEU B 165 -11.74 11.27 27.52
C LEU B 165 -11.68 10.98 29.01
N SER B 166 -10.86 10.00 29.40
CA SER B 166 -10.73 9.63 30.79
C SER B 166 -9.38 10.08 31.35
N VAL B 167 -8.40 9.19 31.30
CA VAL B 167 -7.05 9.51 31.77
C VAL B 167 -6.05 9.38 30.63
N PRO B 168 -4.92 10.08 30.73
CA PRO B 168 -3.86 10.06 29.71
C PRO B 168 -3.23 8.68 29.59
N CYS B 169 -2.76 8.34 28.39
CA CYS B 169 -2.10 7.06 28.21
C CYS B 169 -0.95 6.93 29.20
N MET B 170 -0.74 5.73 29.71
CA MET B 170 0.35 5.50 30.64
C MET B 170 1.69 5.62 29.93
N SER B 171 2.60 6.36 30.55
CA SER B 171 3.89 6.66 29.97
C SER B 171 4.97 5.73 30.49
N SER B 172 5.95 5.44 29.64
CA SER B 172 7.09 4.63 30.02
C SER B 172 8.23 5.52 30.48
N LYS B 173 8.98 5.07 31.49
CA LYS B 173 10.19 5.79 31.86
C LYS B 173 11.31 5.41 30.91
N PRO B 174 11.90 6.41 30.24
CA PRO B 174 12.88 6.19 29.16
C PRO B 174 14.12 5.48 29.66
N GLN B 175 14.82 4.79 28.76
CA GLN B 175 16.06 4.11 29.11
C GLN B 175 17.15 5.12 29.39
N LYS B 176 17.97 4.84 30.41
CA LYS B 176 19.16 5.61 30.64
C LYS B 176 19.94 5.70 29.34
N PRO B 177 20.67 6.81 29.15
CA PRO B 177 21.63 6.85 28.05
C PRO B 177 22.97 6.28 28.51
N TRP B 178 23.70 5.66 27.60
CA TRP B 178 24.99 5.07 27.93
C TRP B 178 25.95 6.14 28.44
N GLU B 179 26.81 5.74 29.37
CA GLU B 179 27.89 6.59 29.85
C GLU B 179 28.49 7.40 28.69
N LYS B 180 28.60 8.71 28.88
CA LYS B 180 29.11 9.58 27.84
C LYS B 180 30.51 9.15 27.40
N ASP B 181 30.83 9.41 26.13
CA ASP B 181 32.15 9.09 25.58
C ASP B 181 32.66 7.72 26.04
N ALA B 182 31.84 6.70 25.86
CA ALA B 182 32.19 5.35 26.32
C ALA B 182 31.83 4.27 25.30
N TRP B 183 32.29 4.44 24.07
CA TRP B 183 32.02 3.47 23.01
C TRP B 183 32.94 2.24 23.12
N GLU B 184 34.23 2.50 23.28
CA GLU B 184 35.20 1.43 23.50
C GLU B 184 35.54 1.33 24.98
N ILE B 185 34.96 0.35 25.66
CA ILE B 185 35.23 0.16 27.08
C ILE B 185 36.33 -0.88 27.31
N PRO B 186 36.98 -0.82 28.48
CA PRO B 186 37.96 -1.80 28.94
C PRO B 186 37.21 -3.00 29.52
N ARG B 187 37.70 -4.21 29.28
CA ARG B 187 36.99 -5.40 29.72
C ARG B 187 36.69 -5.38 31.21
N GLU B 188 37.61 -4.82 31.99
CA GLU B 188 37.48 -4.78 33.45
C GLU B 188 36.12 -4.25 33.91
N SER B 189 35.50 -3.41 33.08
CA SER B 189 34.23 -2.79 33.41
C SER B 189 33.08 -3.79 33.45
N LEU B 190 33.28 -4.94 32.82
CA LEU B 190 32.22 -5.94 32.70
C LEU B 190 32.35 -7.10 33.69
N LYS B 191 31.20 -7.59 34.13
CA LYS B 191 31.12 -8.86 34.85
C LYS B 191 30.06 -9.70 34.15
N LEU B 192 30.50 -10.61 33.28
CA LEU B 192 29.57 -11.51 32.60
C LEU B 192 29.06 -12.56 33.59
N GLU B 193 27.81 -12.40 34.01
CA GLU B 193 27.28 -13.15 35.14
C GLU B 193 26.55 -14.44 34.76
N LYS B 194 26.01 -14.52 33.56
CA LYS B 194 25.26 -15.71 33.16
C LYS B 194 25.23 -15.97 31.64
N LYS B 195 25.71 -17.14 31.25
CA LYS B 195 25.69 -17.55 29.85
C LYS B 195 24.26 -17.81 29.38
N LEU B 196 23.82 -17.08 28.36
CA LEU B 196 22.46 -17.20 27.86
C LEU B 196 22.40 -18.12 26.66
N GLY B 197 23.44 -18.08 25.83
CA GLY B 197 23.50 -18.89 24.63
C GLY B 197 24.93 -19.06 24.16
N ALA B 198 25.19 -20.19 23.52
CA ALA B 198 26.50 -20.46 22.95
C ALA B 198 26.33 -21.02 21.55
N GLY B 199 27.31 -20.81 20.68
CA GLY B 199 27.20 -21.24 19.31
C GLY B 199 28.49 -21.18 18.52
N GLN B 200 28.42 -21.59 17.27
CA GLN B 200 29.59 -21.71 16.41
C GLN B 200 30.54 -20.52 16.53
N PHE B 201 29.98 -19.31 16.60
CA PHE B 201 30.79 -18.10 16.48
C PHE B 201 31.02 -17.36 17.79
N GLY B 202 30.33 -17.77 18.85
CA GLY B 202 30.52 -17.15 20.15
C GLY B 202 29.46 -17.49 21.16
N GLU B 203 29.36 -16.68 22.21
CA GLU B 203 28.35 -16.87 23.24
C GLU B 203 27.64 -15.57 23.54
N VAL B 204 26.54 -15.66 24.27
CA VAL B 204 25.84 -14.47 24.71
C VAL B 204 25.61 -14.53 26.22
N TRP B 205 25.99 -13.45 26.91
CA TRP B 205 25.94 -13.41 28.36
C TRP B 205 25.07 -12.28 28.87
N MET B 206 24.32 -12.55 29.94
CA MET B 206 23.73 -11.49 30.74
C MET B 206 24.87 -10.92 31.58
N ALA B 207 25.06 -9.60 31.54
CA ALA B 207 26.22 -8.99 32.18
C ALA B 207 25.95 -7.66 32.88
N THR B 208 26.83 -7.29 33.81
CA THR B 208 26.77 -5.99 34.47
C THR B 208 27.93 -5.13 34.02
N TYR B 209 27.66 -3.84 33.83
CA TYR B 209 28.71 -2.91 33.40
C TYR B 209 29.00 -1.85 34.47
N ASN B 210 30.26 -1.82 34.92
CA ASN B 210 30.69 -0.94 36.00
C ASN B 210 29.77 -0.95 37.21
N LYS B 211 29.14 -2.09 37.46
CA LYS B 211 28.41 -2.33 38.70
C LYS B 211 27.10 -1.56 38.83
N HIS B 212 26.59 -1.00 37.73
CA HIS B 212 25.37 -0.20 37.79
C HIS B 212 24.32 -0.40 36.69
N THR B 213 24.72 -1.01 35.58
CA THR B 213 23.82 -1.17 34.44
C THR B 213 23.75 -2.60 33.91
N LYS B 214 22.54 -3.15 33.83
CA LYS B 214 22.35 -4.48 33.25
C LYS B 214 22.51 -4.40 31.75
N VAL B 215 23.24 -5.34 31.17
CA VAL B 215 23.50 -5.35 29.74
C VAL B 215 23.57 -6.78 29.22
N ALA B 216 23.79 -6.90 27.92
CA ALA B 216 24.03 -8.19 27.29
C ALA B 216 25.32 -8.11 26.51
N VAL B 217 26.11 -9.17 26.56
CA VAL B 217 27.37 -9.20 25.83
C VAL B 217 27.40 -10.37 24.86
N LYS B 218 27.73 -10.08 23.61
CA LYS B 218 28.00 -11.13 22.64
C LYS B 218 29.51 -11.30 22.49
N THR B 219 30.00 -12.47 22.89
CA THR B 219 31.44 -12.76 22.87
C THR B 219 31.80 -13.49 21.58
N MET B 220 32.61 -12.85 20.75
CA MET B 220 32.95 -13.41 19.45
C MET B 220 34.25 -14.22 19.47
N LYS B 221 34.15 -15.50 19.09
CA LYS B 221 35.33 -16.35 19.00
C LYS B 221 36.25 -15.85 17.90
N PRO B 222 37.55 -15.71 18.21
CA PRO B 222 38.54 -15.14 17.29
C PRO B 222 38.54 -15.88 15.96
N GLY B 223 38.11 -15.21 14.89
CA GLY B 223 37.92 -15.89 13.61
C GLY B 223 38.47 -15.22 12.37
N SER B 224 37.67 -15.25 11.31
CA SER B 224 38.09 -14.86 9.95
C SER B 224 39.32 -13.96 9.83
N MET B 225 39.24 -12.67 10.17
CA MET B 225 38.04 -11.96 10.60
C MET B 225 38.48 -10.57 11.02
N SER B 226 39.29 -9.94 10.17
CA SER B 226 39.92 -8.66 10.47
C SER B 226 39.31 -7.90 11.66
N VAL B 227 39.96 -8.00 12.81
CA VAL B 227 39.56 -7.25 13.99
C VAL B 227 39.43 -5.77 13.64
N GLU B 228 40.24 -5.34 12.66
CA GLU B 228 40.15 -3.99 12.14
C GLU B 228 38.92 -3.89 11.24
N ALA B 229 38.61 -4.99 10.56
CA ALA B 229 37.40 -5.06 9.74
C ALA B 229 36.16 -4.90 10.60
N PHE B 230 35.98 -5.81 11.56
CA PHE B 230 34.82 -5.79 12.43
C PHE B 230 34.59 -4.41 13.04
N LEU B 231 35.67 -3.75 13.44
CA LEU B 231 35.57 -2.46 14.10
C LEU B 231 35.05 -1.36 13.18
N ALA B 232 35.28 -1.52 11.87
CA ALA B 232 34.77 -0.59 10.89
C ALA B 232 33.28 -0.84 10.66
N GLU B 233 32.91 -2.12 10.64
CA GLU B 233 31.51 -2.49 10.45
C GLU B 233 30.72 -2.22 11.73
N ALA B 234 31.40 -1.65 12.72
CA ALA B 234 30.79 -1.36 14.01
C ALA B 234 30.47 0.12 14.18
N ASN B 235 31.35 0.99 13.68
CA ASN B 235 31.07 2.42 13.67
C ASN B 235 29.84 2.69 12.82
N VAL B 236 29.62 1.83 11.83
CA VAL B 236 28.41 1.88 11.00
C VAL B 236 27.20 1.46 11.82
N MET B 237 27.32 0.30 12.49
CA MET B 237 26.24 -0.25 13.29
C MET B 237 25.75 0.73 14.36
N LYS B 238 26.69 1.40 15.02
CA LYS B 238 26.34 2.36 16.07
C LYS B 238 25.38 3.44 15.54
N THR B 239 25.43 3.67 14.23
CA THR B 239 24.66 4.75 13.61
C THR B 239 23.32 4.30 13.05
N LEU B 240 23.02 3.02 13.20
CA LEU B 240 21.71 2.51 12.81
C LEU B 240 20.84 2.38 14.06
N GLN B 241 20.52 3.52 14.66
CA GLN B 241 19.71 3.55 15.87
C GLN B 241 18.24 3.74 15.51
N HIS B 242 17.39 2.90 16.07
CA HIS B 242 15.97 2.87 15.74
C HIS B 242 15.26 2.05 16.82
N ASP B 243 13.99 2.35 17.05
CA ASP B 243 13.25 1.69 18.12
C ASP B 243 13.11 0.19 17.90
N LYS B 244 13.29 -0.26 16.65
CA LYS B 244 13.10 -1.67 16.33
C LYS B 244 14.43 -2.38 16.01
N LEU B 245 15.54 -1.71 16.25
CA LEU B 245 16.84 -2.38 16.24
C LEU B 245 17.37 -2.44 17.67
N VAL B 246 18.02 -3.54 18.02
CA VAL B 246 18.66 -3.64 19.32
C VAL B 246 19.75 -2.56 19.39
N LYS B 247 19.76 -1.81 20.48
CA LYS B 247 20.72 -0.71 20.62
C LYS B 247 22.10 -1.23 21.02
N LEU B 248 23.13 -0.75 20.33
CA LEU B 248 24.52 -1.02 20.71
C LEU B 248 24.96 0.02 21.73
N HIS B 249 25.59 -0.43 22.81
CA HIS B 249 26.08 0.47 23.82
C HIS B 249 27.60 0.65 23.71
N ALA B 250 28.31 -0.46 23.57
CA ALA B 250 29.76 -0.42 23.64
C ALA B 250 30.42 -1.64 22.99
N VAL B 251 31.74 -1.65 23.01
CA VAL B 251 32.52 -2.71 22.38
C VAL B 251 33.90 -2.80 23.00
N VAL B 252 34.38 -4.03 23.22
CA VAL B 252 35.76 -4.23 23.61
C VAL B 252 36.52 -4.62 22.34
N THR B 253 37.60 -3.89 22.06
CA THR B 253 38.30 -4.04 20.77
C THR B 253 39.45 -5.05 20.79
N LYS B 254 39.69 -5.66 21.95
CA LYS B 254 40.75 -6.65 22.08
C LYS B 254 40.17 -8.08 22.03
N GLU B 255 40.65 -8.89 21.10
CA GLU B 255 40.18 -10.26 20.96
C GLU B 255 40.27 -11.01 22.30
N PRO B 256 39.23 -11.81 22.62
CA PRO B 256 38.02 -11.97 21.82
C PRO B 256 37.15 -10.72 21.87
N ILE B 257 36.72 -10.24 20.70
CA ILE B 257 35.88 -9.05 20.64
C ILE B 257 34.58 -9.25 21.42
N TYR B 258 34.22 -8.26 22.24
CA TYR B 258 32.94 -8.27 22.93
C TYR B 258 32.05 -7.20 22.34
N ILE B 259 30.75 -7.49 22.23
CA ILE B 259 29.78 -6.51 21.78
C ILE B 259 28.74 -6.29 22.87
N ILE B 260 28.63 -5.04 23.34
CA ILE B 260 27.72 -4.73 24.42
C ILE B 260 26.45 -4.04 23.91
N THR B 261 25.30 -4.63 24.25
CA THR B 261 24.02 -4.16 23.75
C THR B 261 23.03 -4.07 24.92
N GLU B 262 21.86 -3.52 24.63
CA GLU B 262 20.78 -3.50 25.62
C GLU B 262 20.33 -4.92 25.91
N PHE B 263 19.87 -5.17 27.14
CA PHE B 263 19.40 -6.49 27.52
C PHE B 263 17.90 -6.64 27.27
N MET B 264 17.54 -7.61 26.45
CA MET B 264 16.14 -7.87 26.12
C MET B 264 15.54 -8.96 27.00
N ALA B 265 14.63 -8.56 27.87
CA ALA B 265 14.09 -9.42 28.92
C ALA B 265 13.60 -10.79 28.46
N LYS B 266 12.93 -10.86 27.32
CA LYS B 266 12.32 -12.11 26.87
C LYS B 266 13.06 -12.79 25.72
N GLY B 267 14.37 -12.56 25.64
CA GLY B 267 15.20 -13.25 24.66
C GLY B 267 14.70 -13.18 23.23
N SER B 268 15.02 -14.22 22.45
CA SER B 268 14.68 -14.22 21.03
C SER B 268 13.20 -14.53 20.78
N LEU B 269 12.71 -14.06 19.64
CA LEU B 269 11.35 -14.29 19.23
C LEU B 269 11.10 -15.78 19.04
N LEU B 270 12.08 -16.48 18.47
CA LEU B 270 11.95 -17.90 18.25
C LEU B 270 11.55 -18.62 19.53
N ASP B 271 12.25 -18.31 20.61
CA ASP B 271 12.02 -18.97 21.89
C ASP B 271 10.75 -18.47 22.58
N PHE B 272 10.47 -17.18 22.44
CA PHE B 272 9.27 -16.61 23.05
C PHE B 272 7.99 -17.20 22.45
N LEU B 273 8.03 -17.48 21.14
CA LEU B 273 6.87 -18.03 20.46
C LEU B 273 6.60 -19.48 20.85
N LYS B 274 7.65 -20.22 21.19
CA LYS B 274 7.51 -21.59 21.64
C LYS B 274 7.29 -21.65 23.16
N SER B 275 7.42 -20.49 23.80
CA SER B 275 7.16 -20.39 25.23
C SER B 275 5.69 -20.59 25.51
N ASP B 276 5.33 -20.80 26.78
CA ASP B 276 3.92 -20.90 27.14
C ASP B 276 3.25 -19.56 26.88
N GLU B 277 3.87 -18.48 27.33
CA GLU B 277 3.35 -17.14 27.09
C GLU B 277 3.19 -16.91 25.59
N GLY B 278 4.14 -17.41 24.80
CA GLY B 278 4.09 -17.30 23.36
C GLY B 278 2.79 -17.86 22.81
N SER B 279 2.65 -19.19 22.91
CA SER B 279 1.46 -19.90 22.44
C SER B 279 0.14 -19.18 22.72
N LYS B 280 0.14 -18.29 23.72
CA LYS B 280 -1.08 -17.61 24.15
C LYS B 280 -1.33 -16.28 23.44
N GLN B 281 -0.47 -15.94 22.49
CA GLN B 281 -0.63 -14.69 21.75
C GLN B 281 -1.57 -14.89 20.57
N PRO B 282 -2.69 -14.14 20.56
CA PRO B 282 -3.64 -14.27 19.45
C PRO B 282 -3.02 -13.88 18.11
N LEU B 283 -3.75 -14.09 17.02
CA LEU B 283 -3.21 -13.88 15.68
C LEU B 283 -2.78 -12.44 15.42
N PRO B 284 -3.64 -11.47 15.78
CA PRO B 284 -3.33 -10.05 15.59
C PRO B 284 -2.08 -9.60 16.34
N LYS B 285 -1.72 -10.26 17.43
CA LYS B 285 -0.50 -9.93 18.14
C LYS B 285 0.71 -10.40 17.35
N LEU B 286 0.54 -11.52 16.63
CA LEU B 286 1.59 -12.06 15.79
C LEU B 286 1.84 -11.14 14.61
N ILE B 287 0.77 -10.57 14.07
CA ILE B 287 0.87 -9.64 12.95
C ILE B 287 1.49 -8.32 13.39
N ASP B 288 1.23 -7.92 14.64
CA ASP B 288 1.88 -6.73 15.20
C ASP B 288 3.38 -6.94 15.29
N PHE B 289 3.80 -8.09 15.82
CA PHE B 289 5.22 -8.42 15.85
C PHE B 289 5.82 -8.25 14.46
N SER B 290 5.13 -8.80 13.47
CA SER B 290 5.58 -8.73 12.09
C SER B 290 5.69 -7.28 11.63
N ALA B 291 4.69 -6.47 11.95
CA ALA B 291 4.70 -5.06 11.60
C ALA B 291 5.95 -4.38 12.15
N GLN B 292 6.30 -4.72 13.39
CA GLN B 292 7.44 -4.13 14.08
C GLN B 292 8.76 -4.48 13.41
N ILE B 293 8.88 -5.73 12.99
CA ILE B 293 10.08 -6.18 12.31
C ILE B 293 10.18 -5.54 10.92
N ALA B 294 9.05 -5.38 10.26
CA ALA B 294 9.01 -4.73 8.96
C ALA B 294 9.43 -3.26 9.08
N GLU B 295 8.97 -2.59 10.12
CA GLU B 295 9.40 -1.23 10.41
C GLU B 295 10.92 -1.22 10.53
N GLY B 296 11.43 -2.13 11.36
CA GLY B 296 12.86 -2.27 11.57
C GLY B 296 13.65 -2.42 10.28
N MET B 297 13.17 -3.28 9.40
CA MET B 297 13.82 -3.52 8.12
C MET B 297 13.62 -2.35 7.15
N ALA B 298 12.49 -1.67 7.28
CA ALA B 298 12.20 -0.51 6.46
C ALA B 298 13.26 0.57 6.71
N PHE B 299 13.63 0.71 7.97
CA PHE B 299 14.69 1.64 8.37
C PHE B 299 16.03 1.24 7.76
N ILE B 300 16.38 -0.04 7.91
CA ILE B 300 17.60 -0.57 7.32
C ILE B 300 17.57 -0.40 5.80
N GLU B 301 16.38 -0.47 5.24
CA GLU B 301 16.19 -0.28 3.80
C GLU B 301 16.51 1.15 3.40
N GLN B 302 15.82 2.11 4.02
CA GLN B 302 16.05 3.52 3.73
C GLN B 302 17.52 3.88 3.96
N ARG B 303 18.23 2.99 4.65
CA ARG B 303 19.64 3.20 4.98
C ARG B 303 20.59 2.56 3.97
N ASN B 304 20.04 1.94 2.94
CA ASN B 304 20.87 1.27 1.95
C ASN B 304 21.81 0.28 2.63
N TYR B 305 21.26 -0.47 3.59
CA TYR B 305 22.02 -1.42 4.38
C TYR B 305 21.33 -2.79 4.26
N ILE B 306 22.05 -3.85 4.63
CA ILE B 306 21.50 -5.20 4.56
C ILE B 306 21.65 -5.95 5.89
N HIS B 307 20.76 -6.90 6.13
CA HIS B 307 20.84 -7.71 7.34
C HIS B 307 21.60 -9.01 7.09
N ARG B 308 21.27 -9.67 5.99
CA ARG B 308 21.94 -10.89 5.55
C ARG B 308 21.58 -12.15 6.35
N ASP B 309 20.84 -12.00 7.44
CA ASP B 309 20.47 -13.16 8.24
C ASP B 309 19.16 -13.00 9.02
N LEU B 310 18.10 -12.60 8.33
CA LEU B 310 16.80 -12.40 8.95
C LEU B 310 16.15 -13.73 9.36
N ARG B 311 15.65 -13.78 10.60
CA ARG B 311 14.89 -14.93 11.09
C ARG B 311 14.63 -14.82 12.58
N ALA B 312 13.55 -15.45 13.03
CA ALA B 312 13.11 -15.35 14.43
C ALA B 312 14.26 -15.47 15.43
N ALA B 313 15.27 -16.25 15.08
CA ALA B 313 16.42 -16.44 15.96
C ALA B 313 17.14 -15.13 16.25
N ASN B 314 17.18 -14.25 15.25
CA ASN B 314 17.89 -12.98 15.38
C ASN B 314 16.97 -11.78 15.60
N ILE B 315 15.78 -12.03 16.11
CA ILE B 315 14.90 -10.97 16.60
C ILE B 315 14.76 -11.16 18.10
N LEU B 316 14.82 -10.07 18.85
CA LEU B 316 14.73 -10.17 20.30
C LEU B 316 13.45 -9.51 20.82
N VAL B 317 13.01 -9.91 22.00
CA VAL B 317 11.76 -9.37 22.54
C VAL B 317 11.95 -8.66 23.87
N SER B 318 11.51 -7.41 23.92
CA SER B 318 11.56 -6.64 25.15
C SER B 318 10.56 -7.22 26.13
N ALA B 319 10.65 -6.79 27.39
CA ALA B 319 9.76 -7.26 28.43
C ALA B 319 8.31 -6.97 28.08
N SER B 320 8.08 -5.80 27.47
CA SER B 320 6.72 -5.35 27.16
C SER B 320 6.23 -5.86 25.80
N LEU B 321 7.11 -6.49 25.05
CA LEU B 321 6.74 -7.13 23.78
C LEU B 321 6.99 -6.25 22.57
N VAL B 322 8.02 -5.41 22.65
CA VAL B 322 8.57 -4.75 21.47
C VAL B 322 9.59 -5.70 20.85
N CYS B 323 9.56 -5.85 19.53
CA CYS B 323 10.54 -6.68 18.85
C CYS B 323 11.67 -5.79 18.34
N LYS B 324 12.89 -6.28 18.46
CA LYS B 324 14.03 -5.54 17.94
C LYS B 324 14.95 -6.44 17.14
N ILE B 325 15.38 -5.95 15.98
CA ILE B 325 16.26 -6.70 15.10
C ILE B 325 17.67 -6.74 15.71
N ALA B 326 18.26 -7.94 15.71
CA ALA B 326 19.61 -8.12 16.24
C ALA B 326 20.52 -8.67 15.16
N ASP B 327 21.83 -8.64 15.42
CA ASP B 327 22.81 -9.24 14.52
C ASP B 327 22.85 -8.58 13.14
N PHE B 328 22.26 -7.40 12.99
CA PHE B 328 22.27 -6.73 11.69
C PHE B 328 23.69 -6.41 11.24
N GLY B 329 24.06 -6.94 10.07
CA GLY B 329 25.37 -6.67 9.49
C GLY B 329 26.51 -7.41 10.16
N LEU B 330 26.18 -8.36 11.03
CA LEU B 330 27.19 -9.21 11.64
C LEU B 330 27.68 -10.21 10.60
N ALA B 331 26.73 -10.75 9.84
CA ALA B 331 27.00 -11.76 8.82
C ALA B 331 28.06 -11.33 7.81
N ARG B 332 28.12 -10.03 7.53
CA ARG B 332 29.10 -9.49 6.60
C ARG B 332 30.47 -9.36 7.25
N VAL B 333 30.84 -10.35 8.07
CA VAL B 333 32.13 -10.34 8.74
C VAL B 333 32.42 -11.66 9.44
N ILE B 334 31.44 -12.55 9.46
CA ILE B 334 31.59 -13.85 10.11
C ILE B 334 32.23 -14.87 9.16
N PHE B 347 24.83 -21.84 8.37
CA PHE B 347 24.21 -22.50 7.23
C PHE B 347 22.69 -22.48 7.31
N PRO B 348 22.11 -21.29 7.58
CA PRO B 348 20.66 -21.14 7.64
C PRO B 348 20.10 -20.90 6.25
N ILE B 349 20.04 -21.95 5.43
CA ILE B 349 19.64 -21.78 4.03
C ILE B 349 18.13 -21.90 3.83
N LYS B 350 17.41 -22.38 4.84
CA LYS B 350 15.96 -22.42 4.78
C LYS B 350 15.37 -21.01 4.90
N TRP B 351 16.25 -20.03 5.07
CA TRP B 351 15.84 -18.64 5.22
C TRP B 351 16.44 -17.78 4.12
N THR B 352 17.23 -18.41 3.25
CA THR B 352 18.00 -17.65 2.28
C THR B 352 17.41 -17.71 0.88
N ALA B 353 17.32 -16.55 0.24
CA ALA B 353 16.76 -16.44 -1.10
C ALA B 353 17.66 -17.09 -2.13
N PRO B 354 17.04 -17.70 -3.15
CA PRO B 354 17.74 -18.37 -4.27
C PRO B 354 18.95 -17.62 -4.82
N GLU B 355 18.82 -16.33 -5.12
CA GLU B 355 19.94 -15.59 -5.73
C GLU B 355 21.11 -15.37 -4.77
N ALA B 356 20.85 -15.51 -3.48
CA ALA B 356 21.90 -15.36 -2.48
C ALA B 356 22.67 -16.67 -2.31
N ILE B 357 21.93 -17.78 -2.33
CA ILE B 357 22.54 -19.10 -2.20
C ILE B 357 23.48 -19.42 -3.36
N ASN B 358 22.90 -19.63 -4.54
CA ASN B 358 23.67 -20.03 -5.71
C ASN B 358 24.83 -19.09 -6.02
N PHE B 359 24.51 -17.82 -6.27
CA PHE B 359 25.46 -16.87 -6.81
C PHE B 359 26.02 -15.92 -5.76
N GLY B 360 25.80 -16.27 -4.50
CA GLY B 360 26.33 -15.49 -3.38
C GLY B 360 26.12 -14.00 -3.52
N SER B 361 24.88 -13.59 -3.71
CA SER B 361 24.55 -12.17 -3.82
C SER B 361 23.42 -11.80 -2.87
N PHE B 362 23.75 -11.03 -1.84
CA PHE B 362 22.77 -10.60 -0.86
C PHE B 362 22.33 -9.16 -1.10
N THR B 363 21.04 -8.96 -1.29
CA THR B 363 20.47 -7.63 -1.41
C THR B 363 19.42 -7.41 -0.35
N ILE B 364 18.87 -6.21 -0.30
CA ILE B 364 17.73 -5.93 0.57
C ILE B 364 16.58 -6.83 0.16
N LYS B 365 16.63 -7.31 -1.09
CA LYS B 365 15.59 -8.19 -1.61
C LYS B 365 15.76 -9.63 -1.11
N SER B 366 17.00 -10.06 -0.95
CA SER B 366 17.27 -11.38 -0.39
C SER B 366 16.78 -11.45 1.05
N ASP B 367 16.79 -10.29 1.71
CA ASP B 367 16.25 -10.18 3.07
C ASP B 367 14.73 -10.20 3.07
N VAL B 368 14.14 -9.56 2.06
CA VAL B 368 12.69 -9.59 1.89
C VAL B 368 12.21 -11.04 1.76
N TRP B 369 12.99 -11.85 1.05
CA TRP B 369 12.70 -13.28 0.97
C TRP B 369 12.68 -13.84 2.39
N SER B 370 13.75 -13.56 3.12
CA SER B 370 13.87 -14.01 4.50
C SER B 370 12.67 -13.54 5.32
N PHE B 371 12.26 -12.30 5.12
CA PHE B 371 11.12 -11.79 5.87
C PHE B 371 9.89 -12.66 5.64
N GLY B 372 9.68 -13.05 4.39
CA GLY B 372 8.60 -13.95 4.07
C GLY B 372 8.67 -15.22 4.90
N ILE B 373 9.87 -15.78 4.98
CA ILE B 373 10.10 -16.99 5.78
C ILE B 373 9.86 -16.71 7.26
N LEU B 374 10.52 -15.68 7.77
CA LEU B 374 10.33 -15.25 9.14
C LEU B 374 8.85 -15.02 9.41
N LEU B 375 8.16 -14.50 8.40
CA LEU B 375 6.73 -14.25 8.50
C LEU B 375 5.97 -15.54 8.81
N MET B 376 6.42 -16.64 8.20
CA MET B 376 5.79 -17.95 8.41
C MET B 376 6.19 -18.56 9.74
N GLU B 377 7.43 -18.31 10.15
CA GLU B 377 7.91 -18.72 11.47
C GLU B 377 6.98 -18.17 12.55
N ILE B 378 6.71 -16.87 12.46
CA ILE B 378 5.89 -16.18 13.43
C ILE B 378 4.46 -16.69 13.47
N VAL B 379 3.92 -17.03 12.30
CA VAL B 379 2.54 -17.45 12.21
C VAL B 379 2.34 -18.91 12.64
N THR B 380 3.43 -19.68 12.63
CA THR B 380 3.39 -21.08 13.06
C THR B 380 4.00 -21.27 14.45
N TYR B 381 4.04 -20.18 15.22
CA TYR B 381 4.58 -20.24 16.58
C TYR B 381 5.95 -20.90 16.67
N GLY B 382 6.79 -20.66 15.68
CA GLY B 382 8.18 -21.03 15.77
C GLY B 382 8.61 -22.30 15.05
N ARG B 383 7.65 -23.02 14.48
CA ARG B 383 7.97 -24.24 13.74
C ARG B 383 9.09 -23.98 12.73
N ILE B 384 9.96 -24.96 12.54
CA ILE B 384 11.01 -24.84 11.54
C ILE B 384 10.39 -24.72 10.14
N PRO B 385 11.04 -23.92 9.28
CA PRO B 385 10.62 -23.77 7.87
C PRO B 385 10.77 -25.09 7.13
N TYR B 386 9.91 -25.32 6.14
CA TYR B 386 9.92 -26.57 5.38
C TYR B 386 10.11 -27.78 6.31
N PRO B 387 9.08 -28.12 7.10
CA PRO B 387 9.22 -29.26 8.01
C PRO B 387 9.53 -30.57 7.28
N GLY B 388 10.51 -31.31 7.77
CA GLY B 388 10.81 -32.63 7.24
C GLY B 388 11.64 -32.66 5.98
N MET B 389 12.17 -31.51 5.58
CA MET B 389 13.01 -31.43 4.39
C MET B 389 14.46 -31.13 4.76
N SER B 390 15.38 -31.68 3.99
CA SER B 390 16.81 -31.41 4.18
C SER B 390 17.16 -30.10 3.49
N ASN B 391 18.34 -29.56 3.83
CA ASN B 391 18.82 -28.35 3.17
C ASN B 391 18.83 -28.51 1.64
N PRO B 392 19.70 -29.40 1.13
CA PRO B 392 19.72 -29.65 -0.32
C PRO B 392 18.33 -30.05 -0.80
N GLU B 393 17.61 -30.80 0.04
CA GLU B 393 16.26 -31.24 -0.28
C GLU B 393 15.38 -30.04 -0.62
N VAL B 394 15.49 -29.00 0.19
CA VAL B 394 14.74 -27.76 -0.04
C VAL B 394 15.15 -27.11 -1.36
N ILE B 395 16.45 -26.91 -1.54
CA ILE B 395 16.97 -26.20 -2.71
C ILE B 395 16.36 -26.68 -4.02
N ARG B 396 16.14 -27.99 -4.13
CA ARG B 396 15.57 -28.56 -5.35
C ARG B 396 14.11 -28.17 -5.54
N ALA B 397 13.34 -28.22 -4.45
CA ALA B 397 11.93 -27.84 -4.49
C ALA B 397 11.74 -26.39 -4.93
N LEU B 398 12.75 -25.55 -4.70
CA LEU B 398 12.69 -24.15 -5.08
C LEU B 398 12.71 -23.99 -6.60
N GLU B 399 13.34 -24.94 -7.28
CA GLU B 399 13.35 -24.94 -8.74
C GLU B 399 12.00 -25.40 -9.29
N ARG B 400 11.51 -26.52 -8.76
CA ARG B 400 10.20 -27.03 -9.16
C ARG B 400 9.12 -25.98 -8.93
N GLY B 401 9.51 -24.86 -8.31
CA GLY B 401 8.58 -23.79 -7.99
C GLY B 401 7.74 -24.12 -6.78
N TYR B 402 8.38 -24.68 -5.75
CA TYR B 402 7.68 -25.04 -4.52
C TYR B 402 7.76 -23.94 -3.48
N ARG B 403 6.69 -23.84 -2.68
CA ARG B 403 6.63 -22.91 -1.58
C ARG B 403 5.83 -23.58 -0.47
N MET B 404 6.12 -23.24 0.77
CA MET B 404 5.34 -23.79 1.87
C MET B 404 3.87 -23.52 1.63
N PRO B 405 3.02 -24.51 1.89
CA PRO B 405 1.57 -24.30 1.83
C PRO B 405 1.14 -23.29 2.89
N ARG B 406 0.01 -22.64 2.66
CA ARG B 406 -0.59 -21.78 3.67
C ARG B 406 -1.07 -22.64 4.83
N PRO B 407 -0.54 -22.39 6.04
CA PRO B 407 -0.94 -23.11 7.25
C PRO B 407 -2.37 -22.82 7.68
N GLU B 408 -2.83 -23.45 8.75
CA GLU B 408 -4.24 -23.37 9.17
C GLU B 408 -4.69 -21.98 9.60
N ASN B 409 -4.10 -21.46 10.67
CA ASN B 409 -4.54 -20.18 11.25
C ASN B 409 -4.16 -18.96 10.42
N CYS B 410 -3.30 -19.15 9.43
CA CYS B 410 -2.80 -18.04 8.62
C CYS B 410 -3.82 -17.54 7.59
N PRO B 411 -4.12 -16.23 7.62
CA PRO B 411 -5.05 -15.58 6.69
C PRO B 411 -4.53 -15.51 5.25
N GLU B 412 -5.44 -15.64 4.29
CA GLU B 412 -5.10 -15.57 2.87
C GLU B 412 -4.24 -14.35 2.56
N GLU B 413 -4.69 -13.19 3.01
CA GLU B 413 -4.00 -11.93 2.73
C GLU B 413 -2.59 -11.92 3.30
N LEU B 414 -2.41 -12.54 4.46
CA LEU B 414 -1.07 -12.68 5.03
C LEU B 414 -0.24 -13.64 4.18
N TYR B 415 -0.87 -14.69 3.68
CA TYR B 415 -0.18 -15.65 2.83
C TYR B 415 0.29 -15.01 1.53
N ASN B 416 -0.54 -14.17 0.95
CA ASN B 416 -0.17 -13.47 -0.29
C ASN B 416 1.14 -12.72 -0.14
N ILE B 417 1.30 -12.04 0.99
CA ILE B 417 2.50 -11.26 1.28
C ILE B 417 3.75 -12.15 1.33
N MET B 418 3.61 -13.33 1.93
CA MET B 418 4.70 -14.30 1.92
C MET B 418 5.06 -14.62 0.48
N MET B 419 4.08 -15.11 -0.27
CA MET B 419 4.25 -15.47 -1.67
C MET B 419 4.91 -14.37 -2.49
N ARG B 420 4.64 -13.12 -2.14
CA ARG B 420 5.25 -11.99 -2.84
C ARG B 420 6.70 -11.80 -2.44
N CYS B 421 7.01 -12.14 -1.20
CA CYS B 421 8.41 -12.10 -0.74
C CYS B 421 9.18 -13.21 -1.43
N TRP B 422 8.48 -14.31 -1.71
CA TRP B 422 9.08 -15.47 -2.35
C TRP B 422 8.96 -15.44 -3.86
N LYS B 423 8.72 -14.25 -4.42
CA LYS B 423 8.76 -14.09 -5.86
C LYS B 423 10.14 -14.55 -6.32
N ASN B 424 10.16 -15.41 -7.33
CA ASN B 424 11.42 -15.76 -7.96
C ASN B 424 11.91 -14.53 -8.72
N ARG B 425 13.17 -14.18 -8.54
CA ARG B 425 13.71 -12.97 -9.15
C ARG B 425 13.34 -11.78 -8.26
N PRO B 426 14.34 -11.13 -7.66
CA PRO B 426 14.18 -10.03 -6.70
C PRO B 426 13.16 -8.98 -7.14
N GLU B 427 13.60 -8.02 -7.96
CA GLU B 427 12.77 -6.89 -8.38
C GLU B 427 11.24 -7.06 -8.24
N GLU B 428 10.74 -8.24 -8.55
CA GLU B 428 9.31 -8.50 -8.40
C GLU B 428 8.90 -8.62 -6.93
N ARG B 429 9.88 -8.46 -6.03
CA ARG B 429 9.63 -8.49 -4.60
C ARG B 429 9.37 -7.10 -4.05
N PRO B 430 8.36 -6.97 -3.18
CA PRO B 430 7.91 -5.70 -2.60
C PRO B 430 8.95 -5.12 -1.63
N THR B 431 8.83 -3.83 -1.35
CA THR B 431 9.72 -3.17 -0.41
C THR B 431 9.26 -3.36 1.04
N PHE B 432 10.19 -3.19 1.98
CA PHE B 432 9.84 -3.20 3.38
C PHE B 432 8.95 -2.02 3.70
N GLU B 433 9.16 -0.91 2.98
CA GLU B 433 8.33 0.27 3.13
C GLU B 433 6.89 -0.11 2.84
N TYR B 434 6.69 -0.81 1.74
CA TYR B 434 5.37 -1.30 1.40
C TYR B 434 4.89 -2.32 2.42
N ILE B 435 5.68 -3.39 2.60
CA ILE B 435 5.32 -4.45 3.52
C ILE B 435 4.87 -3.90 4.88
N GLN B 436 5.63 -2.93 5.41
CA GLN B 436 5.27 -2.29 6.67
C GLN B 436 3.89 -1.63 6.60
N SER B 437 3.68 -0.83 5.55
CA SER B 437 2.42 -0.11 5.39
C SER B 437 1.24 -1.07 5.46
N VAL B 438 1.39 -2.21 4.79
CA VAL B 438 0.33 -3.22 4.73
C VAL B 438 0.08 -3.83 6.10
N LEU B 439 1.15 -4.31 6.72
CA LEU B 439 1.04 -5.00 8.01
C LEU B 439 0.55 -4.08 9.13
N ASP B 440 1.07 -2.86 9.16
CA ASP B 440 0.67 -1.87 10.17
C ASP B 440 -0.85 -1.69 10.21
N ASP B 441 -1.48 -1.67 9.05
CA ASP B 441 -2.92 -1.41 8.96
C ASP B 441 -3.72 -2.64 8.52
N PHE B 442 -3.13 -3.81 8.68
CA PHE B 442 -3.74 -5.07 8.27
C PHE B 442 -5.25 -5.14 8.51
N TYR B 443 -5.71 -4.63 9.65
CA TYR B 443 -7.12 -4.73 10.02
C TYR B 443 -7.86 -3.41 9.89
N THR B 444 -7.26 -2.45 9.19
CA THR B 444 -7.85 -1.12 9.07
C THR B 444 -7.92 -0.67 7.62
N ALA B 445 -9.13 -0.42 7.14
CA ALA B 445 -9.30 0.11 5.79
C ALA B 445 -8.80 1.55 5.78
N THR B 446 -8.00 1.88 4.78
CA THR B 446 -7.39 3.21 4.66
C THR B 446 -8.35 4.33 5.06
N GLU B 447 -9.59 4.26 4.58
CA GLU B 447 -10.57 5.30 4.86
C GLU B 447 -10.91 5.39 6.35
N SER B 448 -10.56 4.35 7.10
CA SER B 448 -10.90 4.29 8.52
C SER B 448 -9.78 4.76 9.45
N GLN B 449 -8.64 5.13 8.87
CA GLN B 449 -7.48 5.56 9.66
C GLN B 449 -7.82 6.70 10.62
N GLU B 451 -10.80 9.68 11.97
CA GLU B 451 -12.24 9.85 12.10
C GLU B 451 -12.65 11.24 11.66
N GLU B 452 -13.81 11.34 11.03
CA GLU B 452 -14.40 12.64 10.73
C GLU B 452 -15.25 13.06 11.90
N ILE B 453 -15.27 14.36 12.18
CA ILE B 453 -16.23 14.91 13.14
C ILE B 453 -16.74 16.24 12.65
N PRO B 454 -18.02 16.28 12.26
CA PRO B 454 -18.68 17.48 11.73
C PRO B 454 -19.12 18.41 12.86
#